data_5EJO
# 
_entry.id   5EJO 
# 
_audit_conform.dict_name       mmcif_pdbx.dic 
_audit_conform.dict_version    5.387 
_audit_conform.dict_location   http://mmcif.pdb.org/dictionaries/ascii/mmcif_pdbx.dic 
# 
loop_
_database_2.database_id 
_database_2.database_code 
_database_2.pdbx_database_accession 
_database_2.pdbx_DOI 
PDB   5EJO         pdb_00005ejo 10.2210/pdb5ejo/pdb 
WWPDB D_1000214947 ?            ?                   
# 
loop_
_pdbx_audit_revision_history.ordinal 
_pdbx_audit_revision_history.data_content_type 
_pdbx_audit_revision_history.major_revision 
_pdbx_audit_revision_history.minor_revision 
_pdbx_audit_revision_history.revision_date 
1 'Structure model' 1 0 2016-03-16 
2 'Structure model' 1 1 2016-07-06 
3 'Structure model' 1 2 2024-03-20 
# 
_pdbx_audit_revision_details.ordinal             1 
_pdbx_audit_revision_details.revision_ordinal    1 
_pdbx_audit_revision_details.data_content_type   'Structure model' 
_pdbx_audit_revision_details.provider            repository 
_pdbx_audit_revision_details.type                'Initial release' 
_pdbx_audit_revision_details.description         ? 
_pdbx_audit_revision_details.details             ? 
# 
loop_
_pdbx_audit_revision_group.ordinal 
_pdbx_audit_revision_group.revision_ordinal 
_pdbx_audit_revision_group.data_content_type 
_pdbx_audit_revision_group.group 
1 2 'Structure model' 'Database references'  
2 3 'Structure model' 'Data collection'      
3 3 'Structure model' 'Database references'  
4 3 'Structure model' 'Derived calculations' 
# 
loop_
_pdbx_audit_revision_category.ordinal 
_pdbx_audit_revision_category.revision_ordinal 
_pdbx_audit_revision_category.data_content_type 
_pdbx_audit_revision_category.category 
1 3 'Structure model' chem_comp_atom        
2 3 'Structure model' chem_comp_bond        
3 3 'Structure model' citation              
4 3 'Structure model' database_2            
5 3 'Structure model' pdbx_struct_oper_list 
# 
loop_
_pdbx_audit_revision_item.ordinal 
_pdbx_audit_revision_item.revision_ordinal 
_pdbx_audit_revision_item.data_content_type 
_pdbx_audit_revision_item.item 
1 3 'Structure model' '_citation.journal_id_CSD'                  
2 3 'Structure model' '_database_2.pdbx_DOI'                      
3 3 'Structure model' '_database_2.pdbx_database_accession'       
4 3 'Structure model' '_pdbx_struct_oper_list.symmetry_operation' 
# 
_pdbx_database_status.status_code                     REL 
_pdbx_database_status.status_code_sf                  REL 
_pdbx_database_status.status_code_mr                  ? 
_pdbx_database_status.entry_id                        5EJO 
_pdbx_database_status.recvd_initial_deposition_date   2015-11-02 
_pdbx_database_status.SG_entry                        N 
_pdbx_database_status.deposit_site                    RCSB 
_pdbx_database_status.process_site                    PDBJ 
_pdbx_database_status.status_code_cs                  ? 
_pdbx_database_status.methods_development_category    ? 
_pdbx_database_status.pdb_format_compatible           Y 
_pdbx_database_status.status_code_nmr_data            ? 
# 
loop_
_audit_author.name 
_audit_author.pdbx_ordinal 
'Zhang, K.'   1 
'Gao, Y.'     2 
'Li, J.'      3 
'Burgess, R.' 4 
'Han, J.'     5 
'Liang, H.'   6 
'Zhang, Z.'   7 
'Liu, Y.'     8 
# 
_citation.abstract                  ? 
_citation.abstract_id_CAS           ? 
_citation.book_id_ISBN              ? 
_citation.book_publisher            ? 
_citation.book_publisher_city       ? 
_citation.book_title                ? 
_citation.coordinate_linkage        ? 
_citation.country                   UK 
_citation.database_id_Medline       ? 
_citation.details                   ? 
_citation.id                        primary 
_citation.journal_abbrev            'Nucleic Acids Res.' 
_citation.journal_id_ASTM           NARHAD 
_citation.journal_id_CSD            0389 
_citation.journal_id_ISSN           1362-4962 
_citation.journal_full              ? 
_citation.journal_issue             ? 
_citation.journal_volume            44 
_citation.language                  ? 
_citation.page_first                5083 
_citation.page_last                 5094 
_citation.title                     
'A DNA binding winged helix domain in CAF-1 functions with PCNA to stabilize CAF-1 at replication forks' 
_citation.year                      2016 
_citation.database_id_CSD           ? 
_citation.pdbx_database_id_DOI      10.1093/nar/gkw106 
_citation.pdbx_database_id_PubMed   26908650 
_citation.unpublished_flag          ? 
# 
loop_
_citation_author.citation_id 
_citation_author.name 
_citation_author.ordinal 
_citation_author.identifier_ORCID 
primary 'Zhang, K.'   1 ? 
primary 'Gao, Y.'     2 ? 
primary 'Li, J.'      3 ? 
primary 'Burgess, R.' 4 ? 
primary 'Han, J.'     5 ? 
primary 'Liang, H.'   6 ? 
primary 'Zhang, Z.'   7 ? 
primary 'Liu, Y.'     8 ? 
# 
loop_
_entity.id 
_entity.type 
_entity.src_method 
_entity.pdbx_description 
_entity.formula_weight 
_entity.pdbx_number_of_molecules 
_entity.pdbx_ec 
_entity.pdbx_mutation 
_entity.pdbx_fragment 
_entity.details 
1 polymer man 'Chromatin assembly factor 1 subunit p90' 10549.084 1 ? ? 'UNP residues 519-606' ? 
2 water   nat water                                     18.015    6 ? ? ?                      ? 
# 
_entity_name_com.entity_id   1 
_entity_name_com.name        'CAF-1 90 kDa subunit,RAP1 localization factor 2' 
# 
_entity_poly.entity_id                      1 
_entity_poly.type                           'polypeptide(L)' 
_entity_poly.nstd_linkage                   no 
_entity_poly.nstd_monomer                   no 
_entity_poly.pdbx_seq_one_letter_code       
;GPLGSMKQKAMITDPMDLLRLFDGVQDSTFSLGTVTEIAQKNLPQYNKQTIKNTIKEYAIRSSGKGDLPRKWVIKDAQNW
ENLRANANMPTPSL
;
_entity_poly.pdbx_seq_one_letter_code_can   
;GPLGSMKQKAMITDPMDLLRLFDGVQDSTFSLGTVTEIAQKNLPQYNKQTIKNTIKEYAIRSSGKGDLPRKWVIKDAQNW
ENLRANANMPTPSL
;
_entity_poly.pdbx_strand_id                 A 
_entity_poly.pdbx_target_identifier         ? 
# 
_pdbx_entity_nonpoly.entity_id   2 
_pdbx_entity_nonpoly.name        water 
_pdbx_entity_nonpoly.comp_id     HOH 
# 
loop_
_entity_poly_seq.entity_id 
_entity_poly_seq.num 
_entity_poly_seq.mon_id 
_entity_poly_seq.hetero 
1 1  GLY n 
1 2  PRO n 
1 3  LEU n 
1 4  GLY n 
1 5  SER n 
1 6  MET n 
1 7  LYS n 
1 8  GLN n 
1 9  LYS n 
1 10 ALA n 
1 11 MET n 
1 12 ILE n 
1 13 THR n 
1 14 ASP n 
1 15 PRO n 
1 16 MET n 
1 17 ASP n 
1 18 LEU n 
1 19 LEU n 
1 20 ARG n 
1 21 LEU n 
1 22 PHE n 
1 23 ASP n 
1 24 GLY n 
1 25 VAL n 
1 26 GLN n 
1 27 ASP n 
1 28 SER n 
1 29 THR n 
1 30 PHE n 
1 31 SER n 
1 32 LEU n 
1 33 GLY n 
1 34 THR n 
1 35 VAL n 
1 36 THR n 
1 37 GLU n 
1 38 ILE n 
1 39 ALA n 
1 40 GLN n 
1 41 LYS n 
1 42 ASN n 
1 43 LEU n 
1 44 PRO n 
1 45 GLN n 
1 46 TYR n 
1 47 ASN n 
1 48 LYS n 
1 49 GLN n 
1 50 THR n 
1 51 ILE n 
1 52 LYS n 
1 53 ASN n 
1 54 THR n 
1 55 ILE n 
1 56 LYS n 
1 57 GLU n 
1 58 TYR n 
1 59 ALA n 
1 60 ILE n 
1 61 ARG n 
1 62 SER n 
1 63 SER n 
1 64 GLY n 
1 65 LYS n 
1 66 GLY n 
1 67 ASP n 
1 68 LEU n 
1 69 PRO n 
1 70 ARG n 
1 71 LYS n 
1 72 TRP n 
1 73 VAL n 
1 74 ILE n 
1 75 LYS n 
1 76 ASP n 
1 77 ALA n 
1 78 GLN n 
1 79 ASN n 
1 80 TRP n 
1 81 GLU n 
1 82 ASN n 
1 83 LEU n 
1 84 ARG n 
1 85 ALA n 
1 86 ASN n 
1 87 ALA n 
1 88 ASN n 
1 89 MET n 
1 90 PRO n 
1 91 THR n 
1 92 PRO n 
1 93 SER n 
1 94 LEU n 
# 
_entity_src_gen.entity_id                          1 
_entity_src_gen.pdbx_src_id                        1 
_entity_src_gen.pdbx_alt_source_flag               sample 
_entity_src_gen.pdbx_seq_type                      'Biological sequence' 
_entity_src_gen.pdbx_beg_seq_num                   1 
_entity_src_gen.pdbx_end_seq_num                   94 
_entity_src_gen.gene_src_common_name               
;Baker's yeast
;
_entity_src_gen.gene_src_genus                     ? 
_entity_src_gen.pdbx_gene_src_gene                 'RLF2, CAC1, YPR018W, YP9531.12' 
_entity_src_gen.gene_src_species                   ? 
_entity_src_gen.gene_src_strain                    S288c 
_entity_src_gen.gene_src_tissue                    ? 
_entity_src_gen.gene_src_tissue_fraction           ? 
_entity_src_gen.gene_src_details                   ? 
_entity_src_gen.pdbx_gene_src_fragment             ? 
_entity_src_gen.pdbx_gene_src_scientific_name      'Saccharomyces cerevisiae S288c' 
_entity_src_gen.pdbx_gene_src_ncbi_taxonomy_id     559292 
_entity_src_gen.pdbx_gene_src_variant              ? 
_entity_src_gen.pdbx_gene_src_cell_line            ? 
_entity_src_gen.pdbx_gene_src_atcc                 ? 
_entity_src_gen.pdbx_gene_src_organ                ? 
_entity_src_gen.pdbx_gene_src_organelle            ? 
_entity_src_gen.pdbx_gene_src_cell                 ? 
_entity_src_gen.pdbx_gene_src_cellular_location    ? 
_entity_src_gen.host_org_common_name               ? 
_entity_src_gen.pdbx_host_org_scientific_name      'Escherichia coli' 
_entity_src_gen.pdbx_host_org_ncbi_taxonomy_id     562 
_entity_src_gen.host_org_genus                     ? 
_entity_src_gen.pdbx_host_org_gene                 ? 
_entity_src_gen.pdbx_host_org_organ                ? 
_entity_src_gen.host_org_species                   ? 
_entity_src_gen.pdbx_host_org_tissue               ? 
_entity_src_gen.pdbx_host_org_tissue_fraction      ? 
_entity_src_gen.pdbx_host_org_strain               ? 
_entity_src_gen.pdbx_host_org_variant              ? 
_entity_src_gen.pdbx_host_org_cell_line            ? 
_entity_src_gen.pdbx_host_org_atcc                 ? 
_entity_src_gen.pdbx_host_org_culture_collection   ? 
_entity_src_gen.pdbx_host_org_cell                 ? 
_entity_src_gen.pdbx_host_org_organelle            ? 
_entity_src_gen.pdbx_host_org_cellular_location    ? 
_entity_src_gen.pdbx_host_org_vector_type          ? 
_entity_src_gen.pdbx_host_org_vector               ? 
_entity_src_gen.host_org_details                   ? 
_entity_src_gen.expression_system_id               ? 
_entity_src_gen.plasmid_name                       ? 
_entity_src_gen.plasmid_details                    ? 
_entity_src_gen.pdbx_description                   ? 
# 
loop_
_chem_comp.id 
_chem_comp.type 
_chem_comp.mon_nstd_flag 
_chem_comp.name 
_chem_comp.pdbx_synonyms 
_chem_comp.formula 
_chem_comp.formula_weight 
ALA 'L-peptide linking' y ALANINE         ? 'C3 H7 N O2'     89.093  
ARG 'L-peptide linking' y ARGININE        ? 'C6 H15 N4 O2 1' 175.209 
ASN 'L-peptide linking' y ASPARAGINE      ? 'C4 H8 N2 O3'    132.118 
ASP 'L-peptide linking' y 'ASPARTIC ACID' ? 'C4 H7 N O4'     133.103 
GLN 'L-peptide linking' y GLUTAMINE       ? 'C5 H10 N2 O3'   146.144 
GLU 'L-peptide linking' y 'GLUTAMIC ACID' ? 'C5 H9 N O4'     147.129 
GLY 'peptide linking'   y GLYCINE         ? 'C2 H5 N O2'     75.067  
HOH non-polymer         . WATER           ? 'H2 O'           18.015  
ILE 'L-peptide linking' y ISOLEUCINE      ? 'C6 H13 N O2'    131.173 
LEU 'L-peptide linking' y LEUCINE         ? 'C6 H13 N O2'    131.173 
LYS 'L-peptide linking' y LYSINE          ? 'C6 H15 N2 O2 1' 147.195 
MET 'L-peptide linking' y METHIONINE      ? 'C5 H11 N O2 S'  149.211 
PHE 'L-peptide linking' y PHENYLALANINE   ? 'C9 H11 N O2'    165.189 
PRO 'L-peptide linking' y PROLINE         ? 'C5 H9 N O2'     115.130 
SER 'L-peptide linking' y SERINE          ? 'C3 H7 N O3'     105.093 
THR 'L-peptide linking' y THREONINE       ? 'C4 H9 N O3'     119.119 
TRP 'L-peptide linking' y TRYPTOPHAN      ? 'C11 H12 N2 O2'  204.225 
TYR 'L-peptide linking' y TYROSINE        ? 'C9 H11 N O3'    181.189 
VAL 'L-peptide linking' y VALINE          ? 'C5 H11 N O2'    117.146 
# 
loop_
_pdbx_poly_seq_scheme.asym_id 
_pdbx_poly_seq_scheme.entity_id 
_pdbx_poly_seq_scheme.seq_id 
_pdbx_poly_seq_scheme.mon_id 
_pdbx_poly_seq_scheme.ndb_seq_num 
_pdbx_poly_seq_scheme.pdb_seq_num 
_pdbx_poly_seq_scheme.auth_seq_num 
_pdbx_poly_seq_scheme.pdb_mon_id 
_pdbx_poly_seq_scheme.auth_mon_id 
_pdbx_poly_seq_scheme.pdb_strand_id 
_pdbx_poly_seq_scheme.pdb_ins_code 
_pdbx_poly_seq_scheme.hetero 
A 1 1  GLY 1  513 ?   ?   ?   A . n 
A 1 2  PRO 2  514 ?   ?   ?   A . n 
A 1 3  LEU 3  515 ?   ?   ?   A . n 
A 1 4  GLY 4  516 ?   ?   ?   A . n 
A 1 5  SER 5  517 ?   ?   ?   A . n 
A 1 6  MET 6  518 ?   ?   ?   A . n 
A 1 7  LYS 7  519 ?   ?   ?   A . n 
A 1 8  GLN 8  520 ?   ?   ?   A . n 
A 1 9  LYS 9  521 ?   ?   ?   A . n 
A 1 10 ALA 10 522 524 ALA ALA A . n 
A 1 11 MET 11 523 525 MET MET A . n 
A 1 12 ILE 12 524 526 ILE ILE A . n 
A 1 13 THR 13 525 527 THR THR A . n 
A 1 14 ASP 14 526 528 ASP ASP A . n 
A 1 15 PRO 15 527 529 PRO PRO A . n 
A 1 16 MET 16 528 530 MET MET A . n 
A 1 17 ASP 17 529 531 ASP ASP A . n 
A 1 18 LEU 18 530 532 LEU LEU A . n 
A 1 19 LEU 19 531 533 LEU LEU A . n 
A 1 20 ARG 20 532 534 ARG ARG A . n 
A 1 21 LEU 21 533 535 LEU LEU A . n 
A 1 22 PHE 22 534 536 PHE PHE A . n 
A 1 23 ASP 23 535 537 ASP ASP A . n 
A 1 24 GLY 24 536 538 GLY GLY A . n 
A 1 25 VAL 25 537 539 VAL VAL A . n 
A 1 26 GLN 26 538 540 GLN GLN A . n 
A 1 27 ASP 27 539 541 ASP ASP A . n 
A 1 28 SER 28 540 542 SER SER A . n 
A 1 29 THR 29 541 543 THR THR A . n 
A 1 30 PHE 30 542 544 PHE PHE A . n 
A 1 31 SER 31 543 545 SER SER A . n 
A 1 32 LEU 32 544 546 LEU LEU A . n 
A 1 33 GLY 33 545 547 GLY GLY A . n 
A 1 34 THR 34 546 548 THR THR A . n 
A 1 35 VAL 35 547 549 VAL VAL A . n 
A 1 36 THR 36 548 550 THR THR A . n 
A 1 37 GLU 37 549 551 GLU GLU A . n 
A 1 38 ILE 38 550 552 ILE ILE A . n 
A 1 39 ALA 39 551 553 ALA ALA A . n 
A 1 40 GLN 40 552 554 GLN GLN A . n 
A 1 41 LYS 41 553 555 LYS LYS A . n 
A 1 42 ASN 42 554 556 ASN ASN A . n 
A 1 43 LEU 43 555 557 LEU LEU A . n 
A 1 44 PRO 44 556 558 PRO PRO A . n 
A 1 45 GLN 45 557 559 GLN GLN A . n 
A 1 46 TYR 46 558 560 TYR TYR A . n 
A 1 47 ASN 47 559 561 ASN ASN A . n 
A 1 48 LYS 48 560 562 LYS LYS A . n 
A 1 49 GLN 49 561 563 GLN GLN A . n 
A 1 50 THR 50 562 564 THR THR A . n 
A 1 51 ILE 51 563 565 ILE ILE A . n 
A 1 52 LYS 52 564 566 LYS LYS A . n 
A 1 53 ASN 53 565 567 ASN ASN A . n 
A 1 54 THR 54 566 568 THR THR A . n 
A 1 55 ILE 55 567 569 ILE ILE A . n 
A 1 56 LYS 56 568 570 LYS LYS A . n 
A 1 57 GLU 57 569 571 GLU GLU A . n 
A 1 58 TYR 58 570 572 TYR TYR A . n 
A 1 59 ALA 59 571 573 ALA ALA A . n 
A 1 60 ILE 60 572 574 ILE ILE A . n 
A 1 61 ARG 61 573 575 ARG ARG A . n 
A 1 62 SER 62 574 576 SER SER A . n 
A 1 63 SER 63 575 577 SER SER A . n 
A 1 64 GLY 64 576 578 GLY GLY A . n 
A 1 65 LYS 65 577 579 LYS LYS A . n 
A 1 66 GLY 66 578 580 GLY GLY A . n 
A 1 67 ASP 67 579 581 ASP ASP A . n 
A 1 68 LEU 68 580 582 LEU LEU A . n 
A 1 69 PRO 69 581 583 PRO PRO A . n 
A 1 70 ARG 70 582 584 ARG ARG A . n 
A 1 71 LYS 71 583 585 LYS LYS A . n 
A 1 72 TRP 72 584 586 TRP TRP A . n 
A 1 73 VAL 73 585 587 VAL VAL A . n 
A 1 74 ILE 74 586 588 ILE ILE A . n 
A 1 75 LYS 75 587 589 LYS LYS A . n 
A 1 76 ASP 76 588 590 ASP ASP A . n 
A 1 77 ALA 77 589 591 ALA ALA A . n 
A 1 78 GLN 78 590 592 GLN GLN A . n 
A 1 79 ASN 79 591 593 ASN ASN A . n 
A 1 80 TRP 80 592 594 TRP TRP A . n 
A 1 81 GLU 81 593 595 GLU GLU A . n 
A 1 82 ASN 82 594 596 ASN ASN A . n 
A 1 83 LEU 83 595 597 LEU LEU A . n 
A 1 84 ARG 84 596 598 ARG ARG A . n 
A 1 85 ALA 85 597 599 ALA ALA A . n 
A 1 86 ASN 86 598 600 ASN ASN A . n 
A 1 87 ALA 87 599 601 ALA ALA A . n 
A 1 88 ASN 88 600 602 ASN ASN A . n 
A 1 89 MET 89 601 ?   ?   ?   A . n 
A 1 90 PRO 90 602 ?   ?   ?   A . n 
A 1 91 THR 91 603 ?   ?   ?   A . n 
A 1 92 PRO 92 604 ?   ?   ?   A . n 
A 1 93 SER 93 605 ?   ?   ?   A . n 
A 1 94 LEU 94 606 ?   ?   ?   A . n 
# 
loop_
_pdbx_nonpoly_scheme.asym_id 
_pdbx_nonpoly_scheme.entity_id 
_pdbx_nonpoly_scheme.mon_id 
_pdbx_nonpoly_scheme.ndb_seq_num 
_pdbx_nonpoly_scheme.pdb_seq_num 
_pdbx_nonpoly_scheme.auth_seq_num 
_pdbx_nonpoly_scheme.pdb_mon_id 
_pdbx_nonpoly_scheme.auth_mon_id 
_pdbx_nonpoly_scheme.pdb_strand_id 
_pdbx_nonpoly_scheme.pdb_ins_code 
B 2 HOH 1 701 4 HOH HOH A . 
B 2 HOH 2 702 5 HOH HOH A . 
B 2 HOH 3 703 2 HOH HOH A . 
B 2 HOH 4 704 3 HOH HOH A . 
B 2 HOH 5 705 1 HOH HOH A . 
B 2 HOH 6 706 6 HOH HOH A . 
# 
loop_
_software.citation_id 
_software.classification 
_software.compiler_name 
_software.compiler_version 
_software.contact_author 
_software.contact_author_email 
_software.date 
_software.description 
_software.dependencies 
_software.hardware 
_software.language 
_software.location 
_software.mods 
_software.name 
_software.os 
_software.os_version 
_software.type 
_software.version 
_software.pdbx_ordinal 
? refinement        ? ? ? ? ? ? ? ? ? ? ? PHENIX   ? ? ? 1.9_1692 1 
? 'data processing' ? ? ? ? ? ? ? ? ? ? ? HKL-2000 ? ? ? .        2 
? phasing           ? ? ? ? ? ? ? ? ? ? ? SHELX    ? ? ? .        3 
? 'model building'  ? ? ? ? ? ? ? ? ? ? ? PHENIX   ? ? ? .        4 
# 
_cell.entry_id           5EJO 
_cell.length_a           59.655 
_cell.length_b           59.655 
_cell.length_c           97.408 
_cell.angle_alpha        90.00 
_cell.angle_beta         90.00 
_cell.angle_gamma        90.00 
_cell.Z_PDB              8 
_cell.pdbx_unique_axis   ? 
# 
_symmetry.entry_id                         5EJO 
_symmetry.space_group_name_H-M             'P 41 2 2' 
_symmetry.pdbx_full_space_group_name_H-M   ? 
_symmetry.cell_setting                     ? 
_symmetry.Int_Tables_number                91 
# 
_exptl.absorpt_coefficient_mu     ? 
_exptl.absorpt_correction_T_max   ? 
_exptl.absorpt_correction_T_min   ? 
_exptl.absorpt_correction_type    ? 
_exptl.absorpt_process_details    ? 
_exptl.entry_id                   5EJO 
_exptl.crystals_number            1 
_exptl.details                    ? 
_exptl.method                     'X-RAY DIFFRACTION' 
_exptl.method_details             ? 
# 
_exptl_crystal.colour                      ? 
_exptl_crystal.density_diffrn              ? 
_exptl_crystal.density_Matthews            4.11 
_exptl_crystal.density_method              ? 
_exptl_crystal.density_percent_sol         74.47 
_exptl_crystal.description                 'the entry contains Friedel pairs in F_Plus/Minus columns' 
_exptl_crystal.F_000                       ? 
_exptl_crystal.id                          1 
_exptl_crystal.preparation                 ? 
_exptl_crystal.size_max                    ? 
_exptl_crystal.size_mid                    ? 
_exptl_crystal.size_min                    ? 
_exptl_crystal.size_rad                    ? 
_exptl_crystal.colour_lustre               ? 
_exptl_crystal.colour_modifier             ? 
_exptl_crystal.colour_primary              ? 
_exptl_crystal.density_meas                ? 
_exptl_crystal.density_meas_esd            ? 
_exptl_crystal.density_meas_gt             ? 
_exptl_crystal.density_meas_lt             ? 
_exptl_crystal.density_meas_temp           ? 
_exptl_crystal.density_meas_temp_esd       ? 
_exptl_crystal.density_meas_temp_gt        ? 
_exptl_crystal.density_meas_temp_lt        ? 
_exptl_crystal.pdbx_crystal_image_url      ? 
_exptl_crystal.pdbx_crystal_image_format   ? 
_exptl_crystal.pdbx_mosaicity              ? 
_exptl_crystal.pdbx_mosaicity_esd          ? 
# 
_exptl_crystal_grow.apparatus       ? 
_exptl_crystal_grow.atmosphere      ? 
_exptl_crystal_grow.crystal_id      1 
_exptl_crystal_grow.details         ? 
_exptl_crystal_grow.method          'VAPOR DIFFUSION, HANGING DROP' 
_exptl_crystal_grow.method_ref      ? 
_exptl_crystal_grow.pH              6.5 
_exptl_crystal_grow.pressure        ? 
_exptl_crystal_grow.pressure_esd    ? 
_exptl_crystal_grow.seeding         ? 
_exptl_crystal_grow.seeding_ref     ? 
_exptl_crystal_grow.temp            289 
_exptl_crystal_grow.temp_details    ? 
_exptl_crystal_grow.temp_esd        ? 
_exptl_crystal_grow.time            ? 
_exptl_crystal_grow.pdbx_details    '0.1 M NaCl, 1.5 M (NH4)2SO4,  0.1 M BIS-Tris' 
_exptl_crystal_grow.pdbx_pH_range   ? 
# 
_diffrn.ambient_environment    ? 
_diffrn.ambient_temp           100 
_diffrn.ambient_temp_details   ? 
_diffrn.ambient_temp_esd       ? 
_diffrn.crystal_id             1 
_diffrn.crystal_support        ? 
_diffrn.crystal_treatment      ? 
_diffrn.details                ? 
_diffrn.id                     1 
_diffrn.ambient_pressure       ? 
_diffrn.ambient_pressure_esd   ? 
_diffrn.ambient_pressure_gt    ? 
_diffrn.ambient_pressure_lt    ? 
_diffrn.ambient_temp_gt        ? 
_diffrn.ambient_temp_lt        ? 
# 
_diffrn_detector.details                      ? 
_diffrn_detector.detector                     CCD 
_diffrn_detector.diffrn_id                    1 
_diffrn_detector.type                         'ADSC QUANTUM 315r' 
_diffrn_detector.area_resol_mean              ? 
_diffrn_detector.dtime                        ? 
_diffrn_detector.pdbx_frames_total            ? 
_diffrn_detector.pdbx_collection_time_total   ? 
_diffrn_detector.pdbx_collection_date         2012-06-01 
# 
_diffrn_radiation.collimation                      ? 
_diffrn_radiation.diffrn_id                        1 
_diffrn_radiation.filter_edge                      ? 
_diffrn_radiation.inhomogeneity                    ? 
_diffrn_radiation.monochromator                    ? 
_diffrn_radiation.polarisn_norm                    ? 
_diffrn_radiation.polarisn_ratio                   ? 
_diffrn_radiation.probe                            ? 
_diffrn_radiation.type                             ? 
_diffrn_radiation.xray_symbol                      ? 
_diffrn_radiation.wavelength_id                    1 
_diffrn_radiation.pdbx_monochromatic_or_laue_m_l   M 
_diffrn_radiation.pdbx_wavelength_list             ? 
_diffrn_radiation.pdbx_wavelength                  ? 
_diffrn_radiation.pdbx_diffrn_protocol             'SINGLE WAVELENGTH' 
_diffrn_radiation.pdbx_analyzer                    ? 
_diffrn_radiation.pdbx_scattering_type             x-ray 
# 
_diffrn_radiation_wavelength.id           1 
_diffrn_radiation_wavelength.wavelength   0.979 
_diffrn_radiation_wavelength.wt           1.0 
# 
_diffrn_source.current                     ? 
_diffrn_source.details                     ? 
_diffrn_source.diffrn_id                   1 
_diffrn_source.power                       ? 
_diffrn_source.size                        ? 
_diffrn_source.source                      SYNCHROTRON 
_diffrn_source.target                      ? 
_diffrn_source.type                        'SSRF BEAMLINE BL17U' 
_diffrn_source.voltage                     ? 
_diffrn_source.take-off_angle              ? 
_diffrn_source.pdbx_wavelength_list        0.979 
_diffrn_source.pdbx_wavelength             ? 
_diffrn_source.pdbx_synchrotron_beamline   BL17U 
_diffrn_source.pdbx_synchrotron_site       SSRF 
# 
_reflns.B_iso_Wilson_estimate            ? 
_reflns.entry_id                         5EJO 
_reflns.data_reduction_details           ? 
_reflns.data_reduction_method            ? 
_reflns.d_resolution_high                2.75 
_reflns.d_resolution_low                 50 
_reflns.details                          ? 
_reflns.limit_h_max                      ? 
_reflns.limit_h_min                      ? 
_reflns.limit_k_max                      ? 
_reflns.limit_k_min                      ? 
_reflns.limit_l_max                      ? 
_reflns.limit_l_min                      ? 
_reflns.number_all                       ? 
_reflns.number_obs                       8556 
_reflns.observed_criterion               ? 
_reflns.observed_criterion_F_max         ? 
_reflns.observed_criterion_F_min         ? 
_reflns.observed_criterion_I_max         ? 
_reflns.observed_criterion_I_min         ? 
_reflns.observed_criterion_sigma_F       ? 
_reflns.observed_criterion_sigma_I       ? 
_reflns.percent_possible_obs             98.0 
_reflns.R_free_details                   ? 
_reflns.Rmerge_F_all                     ? 
_reflns.Rmerge_F_obs                     ? 
_reflns.Friedel_coverage                 ? 
_reflns.number_gt                        ? 
_reflns.threshold_expression             ? 
_reflns.pdbx_redundancy                  19.4 
_reflns.pdbx_Rmerge_I_obs                ? 
_reflns.pdbx_Rmerge_I_all                ? 
_reflns.pdbx_Rsym_value                  ? 
_reflns.pdbx_netI_over_av_sigmaI         ? 
_reflns.pdbx_netI_over_sigmaI            67.7 
_reflns.pdbx_res_netI_over_av_sigmaI_2   ? 
_reflns.pdbx_res_netI_over_sigmaI_2      ? 
_reflns.pdbx_chi_squared                 ? 
_reflns.pdbx_scaling_rejects             ? 
_reflns.pdbx_d_res_high_opt              ? 
_reflns.pdbx_d_res_low_opt               ? 
_reflns.pdbx_d_res_opt_method            ? 
_reflns.phase_calculation_details        ? 
_reflns.pdbx_Rrim_I_all                  ? 
_reflns.pdbx_Rpim_I_all                  ? 
_reflns.pdbx_d_opt                       ? 
_reflns.pdbx_number_measured_all         ? 
_reflns.pdbx_diffrn_id                   1 
_reflns.pdbx_ordinal                     1 
_reflns.pdbx_CC_half                     ? 
_reflns.pdbx_R_split                     ? 
# 
_reflns_shell.d_res_high                  2.75 
_reflns_shell.d_res_low                   2.80 
_reflns_shell.meanI_over_sigI_all         ? 
_reflns_shell.meanI_over_sigI_obs         8.37 
_reflns_shell.number_measured_all         ? 
_reflns_shell.number_measured_obs         ? 
_reflns_shell.number_possible             ? 
_reflns_shell.number_unique_all           ? 
_reflns_shell.number_unique_obs           ? 
_reflns_shell.percent_possible_all        96.8 
_reflns_shell.percent_possible_obs        ? 
_reflns_shell.Rmerge_F_all                ? 
_reflns_shell.Rmerge_F_obs                ? 
_reflns_shell.Rmerge_I_all                ? 
_reflns_shell.Rmerge_I_obs                0.657 
_reflns_shell.meanI_over_sigI_gt          ? 
_reflns_shell.meanI_over_uI_all           ? 
_reflns_shell.meanI_over_uI_gt            ? 
_reflns_shell.number_measured_gt          ? 
_reflns_shell.number_unique_gt            ? 
_reflns_shell.percent_possible_gt         ? 
_reflns_shell.Rmerge_F_gt                 ? 
_reflns_shell.Rmerge_I_gt                 ? 
_reflns_shell.pdbx_redundancy             20.6 
_reflns_shell.pdbx_Rsym_value             ? 
_reflns_shell.pdbx_chi_squared            ? 
_reflns_shell.pdbx_netI_over_sigmaI_all   ? 
_reflns_shell.pdbx_netI_over_sigmaI_obs   ? 
_reflns_shell.pdbx_Rrim_I_all             ? 
_reflns_shell.pdbx_Rpim_I_all             ? 
_reflns_shell.pdbx_rejects                ? 
_reflns_shell.pdbx_ordinal                1 
_reflns_shell.pdbx_diffrn_id              1 
_reflns_shell.pdbx_CC_half                ? 
_reflns_shell.pdbx_R_split                ? 
# 
_refine.pdbx_refine_id                           'X-RAY DIFFRACTION' 
_refine.entry_id                                 5EJO 
_refine.pdbx_diffrn_id                           1 
_refine.pdbx_TLS_residual_ADP_flag               ? 
_refine.ls_number_reflns_obs                     8556 
_refine.ls_number_reflns_all                     ? 
_refine.pdbx_ls_sigma_I                          ? 
_refine.pdbx_ls_sigma_F                          1.34 
_refine.pdbx_data_cutoff_high_absF               ? 
_refine.pdbx_data_cutoff_low_absF                ? 
_refine.pdbx_data_cutoff_high_rms_absF           ? 
_refine.ls_d_res_low                             31.832 
_refine.ls_d_res_high                            2.750 
_refine.ls_percent_reflns_obs                    98.37 
_refine.ls_R_factor_obs                          0.2004 
_refine.ls_R_factor_all                          ? 
_refine.ls_R_factor_R_work                       0.1972 
_refine.ls_R_factor_R_free                       0.2299 
_refine.ls_R_factor_R_free_error                 ? 
_refine.ls_R_factor_R_free_error_details         ? 
_refine.ls_percent_reflns_R_free                 10.00 
_refine.ls_number_reflns_R_free                  856 
_refine.ls_number_parameters                     ? 
_refine.ls_number_restraints                     ? 
_refine.occupancy_min                            ? 
_refine.occupancy_max                            ? 
_refine.correlation_coeff_Fo_to_Fc               ? 
_refine.correlation_coeff_Fo_to_Fc_free          ? 
_refine.B_iso_mean                               ? 
_refine.aniso_B[1][1]                            ? 
_refine.aniso_B[2][2]                            ? 
_refine.aniso_B[3][3]                            ? 
_refine.aniso_B[1][2]                            ? 
_refine.aniso_B[1][3]                            ? 
_refine.aniso_B[2][3]                            ? 
_refine.solvent_model_details                    'FLAT BULK SOLVENT MODEL' 
_refine.solvent_model_param_ksol                 ? 
_refine.solvent_model_param_bsol                 ? 
_refine.pdbx_solvent_vdw_probe_radii             1.11 
_refine.pdbx_solvent_ion_probe_radii             ? 
_refine.pdbx_solvent_shrinkage_radii             0.90 
_refine.pdbx_ls_cross_valid_method               'FREE R-VALUE' 
_refine.details                                  'the entry contains Friedel pairs in F_Plus/Minus columns' 
_refine.pdbx_starting_model                      ? 
_refine.pdbx_method_to_determine_struct          SAD 
_refine.pdbx_isotropic_thermal_model             ? 
_refine.pdbx_stereochemistry_target_values       ML 
_refine.pdbx_stereochem_target_val_spec_case     ? 
_refine.pdbx_R_Free_selection_details            ? 
_refine.pdbx_overall_ESU_R                       ? 
_refine.pdbx_overall_ESU_R_Free                  ? 
_refine.overall_SU_ML                            0.29 
_refine.pdbx_overall_phase_error                 24.94 
_refine.overall_SU_B                             ? 
_refine.overall_SU_R_Cruickshank_DPI             ? 
_refine.pdbx_overall_SU_R_free_Cruickshank_DPI   ? 
_refine.pdbx_overall_SU_R_Blow_DPI               ? 
_refine.pdbx_overall_SU_R_free_Blow_DPI          ? 
# 
_refine_hist.pdbx_refine_id                   'X-RAY DIFFRACTION' 
_refine_hist.cycle_id                         LAST 
_refine_hist.pdbx_number_atoms_protein        631 
_refine_hist.pdbx_number_atoms_nucleic_acid   0 
_refine_hist.pdbx_number_atoms_ligand         0 
_refine_hist.number_atoms_solvent             6 
_refine_hist.number_atoms_total               637 
_refine_hist.d_res_high                       2.750 
_refine_hist.d_res_low                        31.832 
# 
loop_
_refine_ls_restr.type 
_refine_ls_restr.dev_ideal 
_refine_ls_restr.dev_ideal_target 
_refine_ls_restr.weight 
_refine_ls_restr.number 
_refine_ls_restr.pdbx_refine_id 
_refine_ls_restr.pdbx_restraint_function 
f_bond_d           0.009  ? ? 641 'X-RAY DIFFRACTION' ? 
f_angle_d          2.258  ? ? 866 'X-RAY DIFFRACTION' ? 
f_dihedral_angle_d 16.433 ? ? 244 'X-RAY DIFFRACTION' ? 
f_chiral_restr     0.071  ? ? 97  'X-RAY DIFFRACTION' ? 
f_plane_restr      0.016  ? ? 112 'X-RAY DIFFRACTION' ? 
# 
loop_
_refine_ls_shell.pdbx_refine_id 
_refine_ls_shell.pdbx_total_number_of_bins_used 
_refine_ls_shell.d_res_high 
_refine_ls_shell.d_res_low 
_refine_ls_shell.number_reflns_R_work 
_refine_ls_shell.R_factor_R_work 
_refine_ls_shell.percent_reflns_obs 
_refine_ls_shell.R_factor_R_free 
_refine_ls_shell.R_factor_R_free_error 
_refine_ls_shell.percent_reflns_R_free 
_refine_ls_shell.number_reflns_R_free 
_refine_ls_shell.number_reflns_all 
_refine_ls_shell.R_factor_all 
_refine_ls_shell.R_factor_obs 
_refine_ls_shell.number_reflns_obs 
'X-RAY DIFFRACTION' . 2.7501 2.9223  1275 0.2708 98.00 0.2910 . . 140 . . . . 
'X-RAY DIFFRACTION' . 2.9223 3.1477  1288 0.2646 97.00 0.3065 . . 142 . . . . 
'X-RAY DIFFRACTION' . 3.1477 3.4642  1257 0.2262 98.00 0.2628 . . 143 . . . . 
'X-RAY DIFFRACTION' . 3.4642 3.9646  1291 0.1943 99.00 0.2757 . . 143 . . . . 
'X-RAY DIFFRACTION' . 3.9646 4.9919  1294 0.1603 99.00 0.1844 . . 147 . . . . 
'X-RAY DIFFRACTION' . 4.9919 31.8342 1295 0.1899 99.00 0.2023 . . 141 . . . . 
# 
_struct.entry_id                     5EJO 
_struct.title                        'Crystal structure of the winged helix domain in Chromatin assembly factor 1 subunit p90' 
_struct.pdbx_model_details           ? 
_struct.pdbx_formula_weight          ? 
_struct.pdbx_formula_weight_method   ? 
_struct.pdbx_model_type_details      ? 
_struct.pdbx_CASP_flag               ? 
# 
_struct_keywords.entry_id        5EJO 
_struct_keywords.text            'Chromatin assembly factor 1, Winged helix domain, Nucleosome assembly, NUCLEAR PROTEIN' 
_struct_keywords.pdbx_keywords   'NUCLEAR PROTEIN' 
# 
loop_
_struct_asym.id 
_struct_asym.pdbx_blank_PDB_chainid_flag 
_struct_asym.pdbx_modified 
_struct_asym.entity_id 
_struct_asym.details 
A N N 1 ? 
B N N 2 ? 
# 
_struct_ref.id                         1 
_struct_ref.db_name                    UNP 
_struct_ref.db_code                    RLF2_YEAST 
_struct_ref.pdbx_db_accession          Q12495 
_struct_ref.pdbx_db_isoform            ? 
_struct_ref.entity_id                  1 
_struct_ref.pdbx_seq_one_letter_code   
;KQKAMITDPMDLLRLFDGVQDSTFSLGTVTEIAQKNLPQYNKQTIKNTIKEYAIRSSGKGDLPRKWVIKDAQNWENLRAN
ANMPTPSL
;
_struct_ref.pdbx_align_begin           519 
# 
_struct_ref_seq.align_id                      1 
_struct_ref_seq.ref_id                        1 
_struct_ref_seq.pdbx_PDB_id_code              5EJO 
_struct_ref_seq.pdbx_strand_id                A 
_struct_ref_seq.seq_align_beg                 7 
_struct_ref_seq.pdbx_seq_align_beg_ins_code   ? 
_struct_ref_seq.seq_align_end                 94 
_struct_ref_seq.pdbx_seq_align_end_ins_code   ? 
_struct_ref_seq.pdbx_db_accession             Q12495 
_struct_ref_seq.db_align_beg                  519 
_struct_ref_seq.pdbx_db_align_beg_ins_code    ? 
_struct_ref_seq.db_align_end                  606 
_struct_ref_seq.pdbx_db_align_end_ins_code    ? 
_struct_ref_seq.pdbx_auth_seq_align_beg       519 
_struct_ref_seq.pdbx_auth_seq_align_end       606 
# 
loop_
_struct_ref_seq_dif.align_id 
_struct_ref_seq_dif.pdbx_pdb_id_code 
_struct_ref_seq_dif.mon_id 
_struct_ref_seq_dif.pdbx_pdb_strand_id 
_struct_ref_seq_dif.seq_num 
_struct_ref_seq_dif.pdbx_pdb_ins_code 
_struct_ref_seq_dif.pdbx_seq_db_name 
_struct_ref_seq_dif.pdbx_seq_db_accession_code 
_struct_ref_seq_dif.db_mon_id 
_struct_ref_seq_dif.pdbx_seq_db_seq_num 
_struct_ref_seq_dif.details 
_struct_ref_seq_dif.pdbx_auth_seq_num 
_struct_ref_seq_dif.pdbx_ordinal 
1 5EJO GLY A 1 ? UNP Q12495 ? ? 'expression tag' 513 1 
1 5EJO PRO A 2 ? UNP Q12495 ? ? 'expression tag' 514 2 
1 5EJO LEU A 3 ? UNP Q12495 ? ? 'expression tag' 515 3 
1 5EJO GLY A 4 ? UNP Q12495 ? ? 'expression tag' 516 4 
1 5EJO SER A 5 ? UNP Q12495 ? ? 'expression tag' 517 5 
1 5EJO MET A 6 ? UNP Q12495 ? ? 'expression tag' 518 6 
# 
_pdbx_struct_assembly.id                   1 
_pdbx_struct_assembly.details              author_and_software_defined_assembly 
_pdbx_struct_assembly.method_details       PISA 
_pdbx_struct_assembly.oligomeric_details   monomeric 
_pdbx_struct_assembly.oligomeric_count     1 
# 
loop_
_pdbx_struct_assembly_prop.biol_id 
_pdbx_struct_assembly_prop.type 
_pdbx_struct_assembly_prop.value 
_pdbx_struct_assembly_prop.details 
1 'ABSA (A^2)' 0    ? 
1 MORE         0    ? 
1 'SSA (A^2)'  5080 ? 
# 
_pdbx_struct_assembly_gen.assembly_id       1 
_pdbx_struct_assembly_gen.oper_expression   1 
_pdbx_struct_assembly_gen.asym_id_list      A,B 
# 
_pdbx_struct_oper_list.id                   1 
_pdbx_struct_oper_list.type                 'identity operation' 
_pdbx_struct_oper_list.name                 1_555 
_pdbx_struct_oper_list.symmetry_operation   x,y,z 
_pdbx_struct_oper_list.matrix[1][1]         1.0000000000 
_pdbx_struct_oper_list.matrix[1][2]         0.0000000000 
_pdbx_struct_oper_list.matrix[1][3]         0.0000000000 
_pdbx_struct_oper_list.vector[1]            0.0000000000 
_pdbx_struct_oper_list.matrix[2][1]         0.0000000000 
_pdbx_struct_oper_list.matrix[2][2]         1.0000000000 
_pdbx_struct_oper_list.matrix[2][3]         0.0000000000 
_pdbx_struct_oper_list.vector[2]            0.0000000000 
_pdbx_struct_oper_list.matrix[3][1]         0.0000000000 
_pdbx_struct_oper_list.matrix[3][2]         0.0000000000 
_pdbx_struct_oper_list.matrix[3][3]         1.0000000000 
_pdbx_struct_oper_list.vector[3]            0.0000000000 
# 
loop_
_struct_conf.conf_type_id 
_struct_conf.id 
_struct_conf.pdbx_PDB_helix_id 
_struct_conf.beg_label_comp_id 
_struct_conf.beg_label_asym_id 
_struct_conf.beg_label_seq_id 
_struct_conf.pdbx_beg_PDB_ins_code 
_struct_conf.end_label_comp_id 
_struct_conf.end_label_asym_id 
_struct_conf.end_label_seq_id 
_struct_conf.pdbx_end_PDB_ins_code 
_struct_conf.beg_auth_comp_id 
_struct_conf.beg_auth_asym_id 
_struct_conf.beg_auth_seq_id 
_struct_conf.end_auth_comp_id 
_struct_conf.end_auth_asym_id 
_struct_conf.end_auth_seq_id 
_struct_conf.pdbx_PDB_helix_class 
_struct_conf.details 
_struct_conf.pdbx_PDB_helix_length 
HELX_P HELX_P1 AA1 ASP A 14 ? GLN A 26 ? ASP A 526 GLN A 538 1 ? 13 
HELX_P HELX_P2 AA2 SER A 31 ? LEU A 43 ? SER A 543 LEU A 555 1 ? 13 
HELX_P HELX_P3 AA3 ASN A 47 ? TYR A 58 ? ASN A 559 TYR A 570 1 ? 12 
HELX_P HELX_P4 AA4 ASP A 76 ? ALA A 87 ? ASP A 588 ALA A 599 1 ? 12 
# 
_struct_conf_type.id          HELX_P 
_struct_conf_type.criteria    ? 
_struct_conf_type.reference   ? 
# 
_struct_mon_prot_cis.pdbx_id                1 
_struct_mon_prot_cis.label_comp_id          GLY 
_struct_mon_prot_cis.label_seq_id           66 
_struct_mon_prot_cis.label_asym_id          A 
_struct_mon_prot_cis.label_alt_id           . 
_struct_mon_prot_cis.pdbx_PDB_ins_code      ? 
_struct_mon_prot_cis.auth_comp_id           GLY 
_struct_mon_prot_cis.auth_seq_id            578 
_struct_mon_prot_cis.auth_asym_id           A 
_struct_mon_prot_cis.pdbx_label_comp_id_2   ASP 
_struct_mon_prot_cis.pdbx_label_seq_id_2    67 
_struct_mon_prot_cis.pdbx_label_asym_id_2   A 
_struct_mon_prot_cis.pdbx_PDB_ins_code_2    ? 
_struct_mon_prot_cis.pdbx_auth_comp_id_2    ASP 
_struct_mon_prot_cis.pdbx_auth_seq_id_2     579 
_struct_mon_prot_cis.pdbx_auth_asym_id_2    A 
_struct_mon_prot_cis.pdbx_PDB_model_num     1 
_struct_mon_prot_cis.pdbx_omega_angle       15.38 
# 
_struct_sheet.id               AA1 
_struct_sheet.type             ? 
_struct_sheet.number_strands   2 
_struct_sheet.details          ? 
# 
_struct_sheet_order.sheet_id     AA1 
_struct_sheet_order.range_id_1   1 
_struct_sheet_order.range_id_2   2 
_struct_sheet_order.offset       ? 
_struct_sheet_order.sense        anti-parallel 
# 
loop_
_struct_sheet_range.sheet_id 
_struct_sheet_range.id 
_struct_sheet_range.beg_label_comp_id 
_struct_sheet_range.beg_label_asym_id 
_struct_sheet_range.beg_label_seq_id 
_struct_sheet_range.pdbx_beg_PDB_ins_code 
_struct_sheet_range.end_label_comp_id 
_struct_sheet_range.end_label_asym_id 
_struct_sheet_range.end_label_seq_id 
_struct_sheet_range.pdbx_end_PDB_ins_code 
_struct_sheet_range.beg_auth_comp_id 
_struct_sheet_range.beg_auth_asym_id 
_struct_sheet_range.beg_auth_seq_id 
_struct_sheet_range.end_auth_comp_id 
_struct_sheet_range.end_auth_asym_id 
_struct_sheet_range.end_auth_seq_id 
AA1 1 ALA A 59 ? ARG A 61 ? ALA A 571 ARG A 573 
AA1 2 TRP A 72 ? ILE A 74 ? TRP A 584 ILE A 586 
# 
_pdbx_struct_sheet_hbond.sheet_id                AA1 
_pdbx_struct_sheet_hbond.range_id_1              1 
_pdbx_struct_sheet_hbond.range_id_2              2 
_pdbx_struct_sheet_hbond.range_1_label_atom_id   N 
_pdbx_struct_sheet_hbond.range_1_label_comp_id   ILE 
_pdbx_struct_sheet_hbond.range_1_label_asym_id   A 
_pdbx_struct_sheet_hbond.range_1_label_seq_id    60 
_pdbx_struct_sheet_hbond.range_1_PDB_ins_code    ? 
_pdbx_struct_sheet_hbond.range_1_auth_atom_id    N 
_pdbx_struct_sheet_hbond.range_1_auth_comp_id    ILE 
_pdbx_struct_sheet_hbond.range_1_auth_asym_id    A 
_pdbx_struct_sheet_hbond.range_1_auth_seq_id     572 
_pdbx_struct_sheet_hbond.range_2_label_atom_id   O 
_pdbx_struct_sheet_hbond.range_2_label_comp_id   VAL 
_pdbx_struct_sheet_hbond.range_2_label_asym_id   A 
_pdbx_struct_sheet_hbond.range_2_label_seq_id    73 
_pdbx_struct_sheet_hbond.range_2_PDB_ins_code    ? 
_pdbx_struct_sheet_hbond.range_2_auth_atom_id    O 
_pdbx_struct_sheet_hbond.range_2_auth_comp_id    VAL 
_pdbx_struct_sheet_hbond.range_2_auth_asym_id    A 
_pdbx_struct_sheet_hbond.range_2_auth_seq_id     585 
# 
loop_
_pdbx_validate_rmsd_angle.id 
_pdbx_validate_rmsd_angle.PDB_model_num 
_pdbx_validate_rmsd_angle.auth_atom_id_1 
_pdbx_validate_rmsd_angle.auth_asym_id_1 
_pdbx_validate_rmsd_angle.auth_comp_id_1 
_pdbx_validate_rmsd_angle.auth_seq_id_1 
_pdbx_validate_rmsd_angle.PDB_ins_code_1 
_pdbx_validate_rmsd_angle.label_alt_id_1 
_pdbx_validate_rmsd_angle.auth_atom_id_2 
_pdbx_validate_rmsd_angle.auth_asym_id_2 
_pdbx_validate_rmsd_angle.auth_comp_id_2 
_pdbx_validate_rmsd_angle.auth_seq_id_2 
_pdbx_validate_rmsd_angle.PDB_ins_code_2 
_pdbx_validate_rmsd_angle.label_alt_id_2 
_pdbx_validate_rmsd_angle.auth_atom_id_3 
_pdbx_validate_rmsd_angle.auth_asym_id_3 
_pdbx_validate_rmsd_angle.auth_comp_id_3 
_pdbx_validate_rmsd_angle.auth_seq_id_3 
_pdbx_validate_rmsd_angle.PDB_ins_code_3 
_pdbx_validate_rmsd_angle.label_alt_id_3 
_pdbx_validate_rmsd_angle.angle_value 
_pdbx_validate_rmsd_angle.angle_target_value 
_pdbx_validate_rmsd_angle.angle_deviation 
_pdbx_validate_rmsd_angle.angle_standard_deviation 
_pdbx_validate_rmsd_angle.linker_flag 
1 1 CA A LEU 580 ? ? CB A LEU 580 ? ? CG  A LEU 580 ? ? 152.08 115.30 36.78  2.30 N 
2 1 CB A LEU 580 ? ? CG A LEU 580 ? ? CD1 A LEU 580 ? ? 123.51 111.00 12.51  1.70 N 
3 1 C  A LEU 580 ? ? N  A PRO 581 ? ? CA  A PRO 581 ? ? 95.89  119.30 -23.41 1.50 Y 
# 
loop_
_pdbx_validate_torsion.id 
_pdbx_validate_torsion.PDB_model_num 
_pdbx_validate_torsion.auth_comp_id 
_pdbx_validate_torsion.auth_asym_id 
_pdbx_validate_torsion.auth_seq_id 
_pdbx_validate_torsion.PDB_ins_code 
_pdbx_validate_torsion.label_alt_id 
_pdbx_validate_torsion.phi 
_pdbx_validate_torsion.psi 
1 1 THR A 525 ? ? -136.56 -31.29 
2 1 ASP A 539 ? ? 75.80   -5.24  
3 1 LYS A 577 ? ? 81.71   27.97  
4 1 LEU A 580 ? ? 68.08   83.16  
# 
loop_
_pdbx_validate_peptide_omega.id 
_pdbx_validate_peptide_omega.PDB_model_num 
_pdbx_validate_peptide_omega.auth_comp_id_1 
_pdbx_validate_peptide_omega.auth_asym_id_1 
_pdbx_validate_peptide_omega.auth_seq_id_1 
_pdbx_validate_peptide_omega.PDB_ins_code_1 
_pdbx_validate_peptide_omega.label_alt_id_1 
_pdbx_validate_peptide_omega.auth_comp_id_2 
_pdbx_validate_peptide_omega.auth_asym_id_2 
_pdbx_validate_peptide_omega.auth_seq_id_2 
_pdbx_validate_peptide_omega.PDB_ins_code_2 
_pdbx_validate_peptide_omega.label_alt_id_2 
_pdbx_validate_peptide_omega.omega 
1 1 SER A 575 ? ? GLY A 576 ? ? 149.76 
2 1 GLY A 576 ? ? LYS A 577 ? ? -39.28 
3 1 ASP A 579 ? ? LEU A 580 ? ? 115.74 
4 1 LEU A 580 ? ? PRO A 581 ? ? 145.74 
# 
loop_
_pdbx_unobs_or_zero_occ_residues.id 
_pdbx_unobs_or_zero_occ_residues.PDB_model_num 
_pdbx_unobs_or_zero_occ_residues.polymer_flag 
_pdbx_unobs_or_zero_occ_residues.occupancy_flag 
_pdbx_unobs_or_zero_occ_residues.auth_asym_id 
_pdbx_unobs_or_zero_occ_residues.auth_comp_id 
_pdbx_unobs_or_zero_occ_residues.auth_seq_id 
_pdbx_unobs_or_zero_occ_residues.PDB_ins_code 
_pdbx_unobs_or_zero_occ_residues.label_asym_id 
_pdbx_unobs_or_zero_occ_residues.label_comp_id 
_pdbx_unobs_or_zero_occ_residues.label_seq_id 
1  1 Y 1 A GLY 513 ? A GLY 1  
2  1 Y 1 A PRO 514 ? A PRO 2  
3  1 Y 1 A LEU 515 ? A LEU 3  
4  1 Y 1 A GLY 516 ? A GLY 4  
5  1 Y 1 A SER 517 ? A SER 5  
6  1 Y 1 A MET 518 ? A MET 6  
7  1 Y 1 A LYS 519 ? A LYS 7  
8  1 Y 1 A GLN 520 ? A GLN 8  
9  1 Y 1 A LYS 521 ? A LYS 9  
10 1 Y 1 A MET 601 ? A MET 89 
11 1 Y 1 A PRO 602 ? A PRO 90 
12 1 Y 1 A THR 603 ? A THR 91 
13 1 Y 1 A PRO 604 ? A PRO 92 
14 1 Y 1 A SER 605 ? A SER 93 
15 1 Y 1 A LEU 606 ? A LEU 94 
# 
loop_
_chem_comp_atom.comp_id 
_chem_comp_atom.atom_id 
_chem_comp_atom.type_symbol 
_chem_comp_atom.pdbx_aromatic_flag 
_chem_comp_atom.pdbx_stereo_config 
_chem_comp_atom.pdbx_ordinal 
ALA N    N N N 1   
ALA CA   C N S 2   
ALA C    C N N 3   
ALA O    O N N 4   
ALA CB   C N N 5   
ALA OXT  O N N 6   
ALA H    H N N 7   
ALA H2   H N N 8   
ALA HA   H N N 9   
ALA HB1  H N N 10  
ALA HB2  H N N 11  
ALA HB3  H N N 12  
ALA HXT  H N N 13  
ARG N    N N N 14  
ARG CA   C N S 15  
ARG C    C N N 16  
ARG O    O N N 17  
ARG CB   C N N 18  
ARG CG   C N N 19  
ARG CD   C N N 20  
ARG NE   N N N 21  
ARG CZ   C N N 22  
ARG NH1  N N N 23  
ARG NH2  N N N 24  
ARG OXT  O N N 25  
ARG H    H N N 26  
ARG H2   H N N 27  
ARG HA   H N N 28  
ARG HB2  H N N 29  
ARG HB3  H N N 30  
ARG HG2  H N N 31  
ARG HG3  H N N 32  
ARG HD2  H N N 33  
ARG HD3  H N N 34  
ARG HE   H N N 35  
ARG HH11 H N N 36  
ARG HH12 H N N 37  
ARG HH21 H N N 38  
ARG HH22 H N N 39  
ARG HXT  H N N 40  
ASN N    N N N 41  
ASN CA   C N S 42  
ASN C    C N N 43  
ASN O    O N N 44  
ASN CB   C N N 45  
ASN CG   C N N 46  
ASN OD1  O N N 47  
ASN ND2  N N N 48  
ASN OXT  O N N 49  
ASN H    H N N 50  
ASN H2   H N N 51  
ASN HA   H N N 52  
ASN HB2  H N N 53  
ASN HB3  H N N 54  
ASN HD21 H N N 55  
ASN HD22 H N N 56  
ASN HXT  H N N 57  
ASP N    N N N 58  
ASP CA   C N S 59  
ASP C    C N N 60  
ASP O    O N N 61  
ASP CB   C N N 62  
ASP CG   C N N 63  
ASP OD1  O N N 64  
ASP OD2  O N N 65  
ASP OXT  O N N 66  
ASP H    H N N 67  
ASP H2   H N N 68  
ASP HA   H N N 69  
ASP HB2  H N N 70  
ASP HB3  H N N 71  
ASP HD2  H N N 72  
ASP HXT  H N N 73  
GLN N    N N N 74  
GLN CA   C N S 75  
GLN C    C N N 76  
GLN O    O N N 77  
GLN CB   C N N 78  
GLN CG   C N N 79  
GLN CD   C N N 80  
GLN OE1  O N N 81  
GLN NE2  N N N 82  
GLN OXT  O N N 83  
GLN H    H N N 84  
GLN H2   H N N 85  
GLN HA   H N N 86  
GLN HB2  H N N 87  
GLN HB3  H N N 88  
GLN HG2  H N N 89  
GLN HG3  H N N 90  
GLN HE21 H N N 91  
GLN HE22 H N N 92  
GLN HXT  H N N 93  
GLU N    N N N 94  
GLU CA   C N S 95  
GLU C    C N N 96  
GLU O    O N N 97  
GLU CB   C N N 98  
GLU CG   C N N 99  
GLU CD   C N N 100 
GLU OE1  O N N 101 
GLU OE2  O N N 102 
GLU OXT  O N N 103 
GLU H    H N N 104 
GLU H2   H N N 105 
GLU HA   H N N 106 
GLU HB2  H N N 107 
GLU HB3  H N N 108 
GLU HG2  H N N 109 
GLU HG3  H N N 110 
GLU HE2  H N N 111 
GLU HXT  H N N 112 
GLY N    N N N 113 
GLY CA   C N N 114 
GLY C    C N N 115 
GLY O    O N N 116 
GLY OXT  O N N 117 
GLY H    H N N 118 
GLY H2   H N N 119 
GLY HA2  H N N 120 
GLY HA3  H N N 121 
GLY HXT  H N N 122 
HOH O    O N N 123 
HOH H1   H N N 124 
HOH H2   H N N 125 
ILE N    N N N 126 
ILE CA   C N S 127 
ILE C    C N N 128 
ILE O    O N N 129 
ILE CB   C N S 130 
ILE CG1  C N N 131 
ILE CG2  C N N 132 
ILE CD1  C N N 133 
ILE OXT  O N N 134 
ILE H    H N N 135 
ILE H2   H N N 136 
ILE HA   H N N 137 
ILE HB   H N N 138 
ILE HG12 H N N 139 
ILE HG13 H N N 140 
ILE HG21 H N N 141 
ILE HG22 H N N 142 
ILE HG23 H N N 143 
ILE HD11 H N N 144 
ILE HD12 H N N 145 
ILE HD13 H N N 146 
ILE HXT  H N N 147 
LEU N    N N N 148 
LEU CA   C N S 149 
LEU C    C N N 150 
LEU O    O N N 151 
LEU CB   C N N 152 
LEU CG   C N N 153 
LEU CD1  C N N 154 
LEU CD2  C N N 155 
LEU OXT  O N N 156 
LEU H    H N N 157 
LEU H2   H N N 158 
LEU HA   H N N 159 
LEU HB2  H N N 160 
LEU HB3  H N N 161 
LEU HG   H N N 162 
LEU HD11 H N N 163 
LEU HD12 H N N 164 
LEU HD13 H N N 165 
LEU HD21 H N N 166 
LEU HD22 H N N 167 
LEU HD23 H N N 168 
LEU HXT  H N N 169 
LYS N    N N N 170 
LYS CA   C N S 171 
LYS C    C N N 172 
LYS O    O N N 173 
LYS CB   C N N 174 
LYS CG   C N N 175 
LYS CD   C N N 176 
LYS CE   C N N 177 
LYS NZ   N N N 178 
LYS OXT  O N N 179 
LYS H    H N N 180 
LYS H2   H N N 181 
LYS HA   H N N 182 
LYS HB2  H N N 183 
LYS HB3  H N N 184 
LYS HG2  H N N 185 
LYS HG3  H N N 186 
LYS HD2  H N N 187 
LYS HD3  H N N 188 
LYS HE2  H N N 189 
LYS HE3  H N N 190 
LYS HZ1  H N N 191 
LYS HZ2  H N N 192 
LYS HZ3  H N N 193 
LYS HXT  H N N 194 
MET N    N N N 195 
MET CA   C N S 196 
MET C    C N N 197 
MET O    O N N 198 
MET CB   C N N 199 
MET CG   C N N 200 
MET SD   S N N 201 
MET CE   C N N 202 
MET OXT  O N N 203 
MET H    H N N 204 
MET H2   H N N 205 
MET HA   H N N 206 
MET HB2  H N N 207 
MET HB3  H N N 208 
MET HG2  H N N 209 
MET HG3  H N N 210 
MET HE1  H N N 211 
MET HE2  H N N 212 
MET HE3  H N N 213 
MET HXT  H N N 214 
PHE N    N N N 215 
PHE CA   C N S 216 
PHE C    C N N 217 
PHE O    O N N 218 
PHE CB   C N N 219 
PHE CG   C Y N 220 
PHE CD1  C Y N 221 
PHE CD2  C Y N 222 
PHE CE1  C Y N 223 
PHE CE2  C Y N 224 
PHE CZ   C Y N 225 
PHE OXT  O N N 226 
PHE H    H N N 227 
PHE H2   H N N 228 
PHE HA   H N N 229 
PHE HB2  H N N 230 
PHE HB3  H N N 231 
PHE HD1  H N N 232 
PHE HD2  H N N 233 
PHE HE1  H N N 234 
PHE HE2  H N N 235 
PHE HZ   H N N 236 
PHE HXT  H N N 237 
PRO N    N N N 238 
PRO CA   C N S 239 
PRO C    C N N 240 
PRO O    O N N 241 
PRO CB   C N N 242 
PRO CG   C N N 243 
PRO CD   C N N 244 
PRO OXT  O N N 245 
PRO H    H N N 246 
PRO HA   H N N 247 
PRO HB2  H N N 248 
PRO HB3  H N N 249 
PRO HG2  H N N 250 
PRO HG3  H N N 251 
PRO HD2  H N N 252 
PRO HD3  H N N 253 
PRO HXT  H N N 254 
SER N    N N N 255 
SER CA   C N S 256 
SER C    C N N 257 
SER O    O N N 258 
SER CB   C N N 259 
SER OG   O N N 260 
SER OXT  O N N 261 
SER H    H N N 262 
SER H2   H N N 263 
SER HA   H N N 264 
SER HB2  H N N 265 
SER HB3  H N N 266 
SER HG   H N N 267 
SER HXT  H N N 268 
THR N    N N N 269 
THR CA   C N S 270 
THR C    C N N 271 
THR O    O N N 272 
THR CB   C N R 273 
THR OG1  O N N 274 
THR CG2  C N N 275 
THR OXT  O N N 276 
THR H    H N N 277 
THR H2   H N N 278 
THR HA   H N N 279 
THR HB   H N N 280 
THR HG1  H N N 281 
THR HG21 H N N 282 
THR HG22 H N N 283 
THR HG23 H N N 284 
THR HXT  H N N 285 
TRP N    N N N 286 
TRP CA   C N S 287 
TRP C    C N N 288 
TRP O    O N N 289 
TRP CB   C N N 290 
TRP CG   C Y N 291 
TRP CD1  C Y N 292 
TRP CD2  C Y N 293 
TRP NE1  N Y N 294 
TRP CE2  C Y N 295 
TRP CE3  C Y N 296 
TRP CZ2  C Y N 297 
TRP CZ3  C Y N 298 
TRP CH2  C Y N 299 
TRP OXT  O N N 300 
TRP H    H N N 301 
TRP H2   H N N 302 
TRP HA   H N N 303 
TRP HB2  H N N 304 
TRP HB3  H N N 305 
TRP HD1  H N N 306 
TRP HE1  H N N 307 
TRP HE3  H N N 308 
TRP HZ2  H N N 309 
TRP HZ3  H N N 310 
TRP HH2  H N N 311 
TRP HXT  H N N 312 
TYR N    N N N 313 
TYR CA   C N S 314 
TYR C    C N N 315 
TYR O    O N N 316 
TYR CB   C N N 317 
TYR CG   C Y N 318 
TYR CD1  C Y N 319 
TYR CD2  C Y N 320 
TYR CE1  C Y N 321 
TYR CE2  C Y N 322 
TYR CZ   C Y N 323 
TYR OH   O N N 324 
TYR OXT  O N N 325 
TYR H    H N N 326 
TYR H2   H N N 327 
TYR HA   H N N 328 
TYR HB2  H N N 329 
TYR HB3  H N N 330 
TYR HD1  H N N 331 
TYR HD2  H N N 332 
TYR HE1  H N N 333 
TYR HE2  H N N 334 
TYR HH   H N N 335 
TYR HXT  H N N 336 
VAL N    N N N 337 
VAL CA   C N S 338 
VAL C    C N N 339 
VAL O    O N N 340 
VAL CB   C N N 341 
VAL CG1  C N N 342 
VAL CG2  C N N 343 
VAL OXT  O N N 344 
VAL H    H N N 345 
VAL H2   H N N 346 
VAL HA   H N N 347 
VAL HB   H N N 348 
VAL HG11 H N N 349 
VAL HG12 H N N 350 
VAL HG13 H N N 351 
VAL HG21 H N N 352 
VAL HG22 H N N 353 
VAL HG23 H N N 354 
VAL HXT  H N N 355 
# 
loop_
_chem_comp_bond.comp_id 
_chem_comp_bond.atom_id_1 
_chem_comp_bond.atom_id_2 
_chem_comp_bond.value_order 
_chem_comp_bond.pdbx_aromatic_flag 
_chem_comp_bond.pdbx_stereo_config 
_chem_comp_bond.pdbx_ordinal 
ALA N   CA   sing N N 1   
ALA N   H    sing N N 2   
ALA N   H2   sing N N 3   
ALA CA  C    sing N N 4   
ALA CA  CB   sing N N 5   
ALA CA  HA   sing N N 6   
ALA C   O    doub N N 7   
ALA C   OXT  sing N N 8   
ALA CB  HB1  sing N N 9   
ALA CB  HB2  sing N N 10  
ALA CB  HB3  sing N N 11  
ALA OXT HXT  sing N N 12  
ARG N   CA   sing N N 13  
ARG N   H    sing N N 14  
ARG N   H2   sing N N 15  
ARG CA  C    sing N N 16  
ARG CA  CB   sing N N 17  
ARG CA  HA   sing N N 18  
ARG C   O    doub N N 19  
ARG C   OXT  sing N N 20  
ARG CB  CG   sing N N 21  
ARG CB  HB2  sing N N 22  
ARG CB  HB3  sing N N 23  
ARG CG  CD   sing N N 24  
ARG CG  HG2  sing N N 25  
ARG CG  HG3  sing N N 26  
ARG CD  NE   sing N N 27  
ARG CD  HD2  sing N N 28  
ARG CD  HD3  sing N N 29  
ARG NE  CZ   sing N N 30  
ARG NE  HE   sing N N 31  
ARG CZ  NH1  sing N N 32  
ARG CZ  NH2  doub N N 33  
ARG NH1 HH11 sing N N 34  
ARG NH1 HH12 sing N N 35  
ARG NH2 HH21 sing N N 36  
ARG NH2 HH22 sing N N 37  
ARG OXT HXT  sing N N 38  
ASN N   CA   sing N N 39  
ASN N   H    sing N N 40  
ASN N   H2   sing N N 41  
ASN CA  C    sing N N 42  
ASN CA  CB   sing N N 43  
ASN CA  HA   sing N N 44  
ASN C   O    doub N N 45  
ASN C   OXT  sing N N 46  
ASN CB  CG   sing N N 47  
ASN CB  HB2  sing N N 48  
ASN CB  HB3  sing N N 49  
ASN CG  OD1  doub N N 50  
ASN CG  ND2  sing N N 51  
ASN ND2 HD21 sing N N 52  
ASN ND2 HD22 sing N N 53  
ASN OXT HXT  sing N N 54  
ASP N   CA   sing N N 55  
ASP N   H    sing N N 56  
ASP N   H2   sing N N 57  
ASP CA  C    sing N N 58  
ASP CA  CB   sing N N 59  
ASP CA  HA   sing N N 60  
ASP C   O    doub N N 61  
ASP C   OXT  sing N N 62  
ASP CB  CG   sing N N 63  
ASP CB  HB2  sing N N 64  
ASP CB  HB3  sing N N 65  
ASP CG  OD1  doub N N 66  
ASP CG  OD2  sing N N 67  
ASP OD2 HD2  sing N N 68  
ASP OXT HXT  sing N N 69  
GLN N   CA   sing N N 70  
GLN N   H    sing N N 71  
GLN N   H2   sing N N 72  
GLN CA  C    sing N N 73  
GLN CA  CB   sing N N 74  
GLN CA  HA   sing N N 75  
GLN C   O    doub N N 76  
GLN C   OXT  sing N N 77  
GLN CB  CG   sing N N 78  
GLN CB  HB2  sing N N 79  
GLN CB  HB3  sing N N 80  
GLN CG  CD   sing N N 81  
GLN CG  HG2  sing N N 82  
GLN CG  HG3  sing N N 83  
GLN CD  OE1  doub N N 84  
GLN CD  NE2  sing N N 85  
GLN NE2 HE21 sing N N 86  
GLN NE2 HE22 sing N N 87  
GLN OXT HXT  sing N N 88  
GLU N   CA   sing N N 89  
GLU N   H    sing N N 90  
GLU N   H2   sing N N 91  
GLU CA  C    sing N N 92  
GLU CA  CB   sing N N 93  
GLU CA  HA   sing N N 94  
GLU C   O    doub N N 95  
GLU C   OXT  sing N N 96  
GLU CB  CG   sing N N 97  
GLU CB  HB2  sing N N 98  
GLU CB  HB3  sing N N 99  
GLU CG  CD   sing N N 100 
GLU CG  HG2  sing N N 101 
GLU CG  HG3  sing N N 102 
GLU CD  OE1  doub N N 103 
GLU CD  OE2  sing N N 104 
GLU OE2 HE2  sing N N 105 
GLU OXT HXT  sing N N 106 
GLY N   CA   sing N N 107 
GLY N   H    sing N N 108 
GLY N   H2   sing N N 109 
GLY CA  C    sing N N 110 
GLY CA  HA2  sing N N 111 
GLY CA  HA3  sing N N 112 
GLY C   O    doub N N 113 
GLY C   OXT  sing N N 114 
GLY OXT HXT  sing N N 115 
HOH O   H1   sing N N 116 
HOH O   H2   sing N N 117 
ILE N   CA   sing N N 118 
ILE N   H    sing N N 119 
ILE N   H2   sing N N 120 
ILE CA  C    sing N N 121 
ILE CA  CB   sing N N 122 
ILE CA  HA   sing N N 123 
ILE C   O    doub N N 124 
ILE C   OXT  sing N N 125 
ILE CB  CG1  sing N N 126 
ILE CB  CG2  sing N N 127 
ILE CB  HB   sing N N 128 
ILE CG1 CD1  sing N N 129 
ILE CG1 HG12 sing N N 130 
ILE CG1 HG13 sing N N 131 
ILE CG2 HG21 sing N N 132 
ILE CG2 HG22 sing N N 133 
ILE CG2 HG23 sing N N 134 
ILE CD1 HD11 sing N N 135 
ILE CD1 HD12 sing N N 136 
ILE CD1 HD13 sing N N 137 
ILE OXT HXT  sing N N 138 
LEU N   CA   sing N N 139 
LEU N   H    sing N N 140 
LEU N   H2   sing N N 141 
LEU CA  C    sing N N 142 
LEU CA  CB   sing N N 143 
LEU CA  HA   sing N N 144 
LEU C   O    doub N N 145 
LEU C   OXT  sing N N 146 
LEU CB  CG   sing N N 147 
LEU CB  HB2  sing N N 148 
LEU CB  HB3  sing N N 149 
LEU CG  CD1  sing N N 150 
LEU CG  CD2  sing N N 151 
LEU CG  HG   sing N N 152 
LEU CD1 HD11 sing N N 153 
LEU CD1 HD12 sing N N 154 
LEU CD1 HD13 sing N N 155 
LEU CD2 HD21 sing N N 156 
LEU CD2 HD22 sing N N 157 
LEU CD2 HD23 sing N N 158 
LEU OXT HXT  sing N N 159 
LYS N   CA   sing N N 160 
LYS N   H    sing N N 161 
LYS N   H2   sing N N 162 
LYS CA  C    sing N N 163 
LYS CA  CB   sing N N 164 
LYS CA  HA   sing N N 165 
LYS C   O    doub N N 166 
LYS C   OXT  sing N N 167 
LYS CB  CG   sing N N 168 
LYS CB  HB2  sing N N 169 
LYS CB  HB3  sing N N 170 
LYS CG  CD   sing N N 171 
LYS CG  HG2  sing N N 172 
LYS CG  HG3  sing N N 173 
LYS CD  CE   sing N N 174 
LYS CD  HD2  sing N N 175 
LYS CD  HD3  sing N N 176 
LYS CE  NZ   sing N N 177 
LYS CE  HE2  sing N N 178 
LYS CE  HE3  sing N N 179 
LYS NZ  HZ1  sing N N 180 
LYS NZ  HZ2  sing N N 181 
LYS NZ  HZ3  sing N N 182 
LYS OXT HXT  sing N N 183 
MET N   CA   sing N N 184 
MET N   H    sing N N 185 
MET N   H2   sing N N 186 
MET CA  C    sing N N 187 
MET CA  CB   sing N N 188 
MET CA  HA   sing N N 189 
MET C   O    doub N N 190 
MET C   OXT  sing N N 191 
MET CB  CG   sing N N 192 
MET CB  HB2  sing N N 193 
MET CB  HB3  sing N N 194 
MET CG  SD   sing N N 195 
MET CG  HG2  sing N N 196 
MET CG  HG3  sing N N 197 
MET SD  CE   sing N N 198 
MET CE  HE1  sing N N 199 
MET CE  HE2  sing N N 200 
MET CE  HE3  sing N N 201 
MET OXT HXT  sing N N 202 
PHE N   CA   sing N N 203 
PHE N   H    sing N N 204 
PHE N   H2   sing N N 205 
PHE CA  C    sing N N 206 
PHE CA  CB   sing N N 207 
PHE CA  HA   sing N N 208 
PHE C   O    doub N N 209 
PHE C   OXT  sing N N 210 
PHE CB  CG   sing N N 211 
PHE CB  HB2  sing N N 212 
PHE CB  HB3  sing N N 213 
PHE CG  CD1  doub Y N 214 
PHE CG  CD2  sing Y N 215 
PHE CD1 CE1  sing Y N 216 
PHE CD1 HD1  sing N N 217 
PHE CD2 CE2  doub Y N 218 
PHE CD2 HD2  sing N N 219 
PHE CE1 CZ   doub Y N 220 
PHE CE1 HE1  sing N N 221 
PHE CE2 CZ   sing Y N 222 
PHE CE2 HE2  sing N N 223 
PHE CZ  HZ   sing N N 224 
PHE OXT HXT  sing N N 225 
PRO N   CA   sing N N 226 
PRO N   CD   sing N N 227 
PRO N   H    sing N N 228 
PRO CA  C    sing N N 229 
PRO CA  CB   sing N N 230 
PRO CA  HA   sing N N 231 
PRO C   O    doub N N 232 
PRO C   OXT  sing N N 233 
PRO CB  CG   sing N N 234 
PRO CB  HB2  sing N N 235 
PRO CB  HB3  sing N N 236 
PRO CG  CD   sing N N 237 
PRO CG  HG2  sing N N 238 
PRO CG  HG3  sing N N 239 
PRO CD  HD2  sing N N 240 
PRO CD  HD3  sing N N 241 
PRO OXT HXT  sing N N 242 
SER N   CA   sing N N 243 
SER N   H    sing N N 244 
SER N   H2   sing N N 245 
SER CA  C    sing N N 246 
SER CA  CB   sing N N 247 
SER CA  HA   sing N N 248 
SER C   O    doub N N 249 
SER C   OXT  sing N N 250 
SER CB  OG   sing N N 251 
SER CB  HB2  sing N N 252 
SER CB  HB3  sing N N 253 
SER OG  HG   sing N N 254 
SER OXT HXT  sing N N 255 
THR N   CA   sing N N 256 
THR N   H    sing N N 257 
THR N   H2   sing N N 258 
THR CA  C    sing N N 259 
THR CA  CB   sing N N 260 
THR CA  HA   sing N N 261 
THR C   O    doub N N 262 
THR C   OXT  sing N N 263 
THR CB  OG1  sing N N 264 
THR CB  CG2  sing N N 265 
THR CB  HB   sing N N 266 
THR OG1 HG1  sing N N 267 
THR CG2 HG21 sing N N 268 
THR CG2 HG22 sing N N 269 
THR CG2 HG23 sing N N 270 
THR OXT HXT  sing N N 271 
TRP N   CA   sing N N 272 
TRP N   H    sing N N 273 
TRP N   H2   sing N N 274 
TRP CA  C    sing N N 275 
TRP CA  CB   sing N N 276 
TRP CA  HA   sing N N 277 
TRP C   O    doub N N 278 
TRP C   OXT  sing N N 279 
TRP CB  CG   sing N N 280 
TRP CB  HB2  sing N N 281 
TRP CB  HB3  sing N N 282 
TRP CG  CD1  doub Y N 283 
TRP CG  CD2  sing Y N 284 
TRP CD1 NE1  sing Y N 285 
TRP CD1 HD1  sing N N 286 
TRP CD2 CE2  doub Y N 287 
TRP CD2 CE3  sing Y N 288 
TRP NE1 CE2  sing Y N 289 
TRP NE1 HE1  sing N N 290 
TRP CE2 CZ2  sing Y N 291 
TRP CE3 CZ3  doub Y N 292 
TRP CE3 HE3  sing N N 293 
TRP CZ2 CH2  doub Y N 294 
TRP CZ2 HZ2  sing N N 295 
TRP CZ3 CH2  sing Y N 296 
TRP CZ3 HZ3  sing N N 297 
TRP CH2 HH2  sing N N 298 
TRP OXT HXT  sing N N 299 
TYR N   CA   sing N N 300 
TYR N   H    sing N N 301 
TYR N   H2   sing N N 302 
TYR CA  C    sing N N 303 
TYR CA  CB   sing N N 304 
TYR CA  HA   sing N N 305 
TYR C   O    doub N N 306 
TYR C   OXT  sing N N 307 
TYR CB  CG   sing N N 308 
TYR CB  HB2  sing N N 309 
TYR CB  HB3  sing N N 310 
TYR CG  CD1  doub Y N 311 
TYR CG  CD2  sing Y N 312 
TYR CD1 CE1  sing Y N 313 
TYR CD1 HD1  sing N N 314 
TYR CD2 CE2  doub Y N 315 
TYR CD2 HD2  sing N N 316 
TYR CE1 CZ   doub Y N 317 
TYR CE1 HE1  sing N N 318 
TYR CE2 CZ   sing Y N 319 
TYR CE2 HE2  sing N N 320 
TYR CZ  OH   sing N N 321 
TYR OH  HH   sing N N 322 
TYR OXT HXT  sing N N 323 
VAL N   CA   sing N N 324 
VAL N   H    sing N N 325 
VAL N   H2   sing N N 326 
VAL CA  C    sing N N 327 
VAL CA  CB   sing N N 328 
VAL CA  HA   sing N N 329 
VAL C   O    doub N N 330 
VAL C   OXT  sing N N 331 
VAL CB  CG1  sing N N 332 
VAL CB  CG2  sing N N 333 
VAL CB  HB   sing N N 334 
VAL CG1 HG11 sing N N 335 
VAL CG1 HG12 sing N N 336 
VAL CG1 HG13 sing N N 337 
VAL CG2 HG21 sing N N 338 
VAL CG2 HG22 sing N N 339 
VAL CG2 HG23 sing N N 340 
VAL OXT HXT  sing N N 341 
# 
_pdbx_audit_support.funding_organization   'National Science Foundation' 
_pdbx_audit_support.country                China 
_pdbx_audit_support.grant_number           '30925011, 31030024 and 31021062' 
_pdbx_audit_support.ordinal                1 
# 
_atom_sites.entry_id                    5EJO 
_atom_sites.fract_transf_matrix[1][1]   0.00657792 
_atom_sites.fract_transf_matrix[1][2]   -0.01159491 
_atom_sites.fract_transf_matrix[1][3]   0.01020585 
_atom_sites.fract_transf_matrix[2][1]   -0.01527962 
_atom_sites.fract_transf_matrix[2][2]   -0.00651147 
_atom_sites.fract_transf_matrix[2][3]   0.00245038 
_atom_sites.fract_transf_matrix[3][1]   0.00138813 
_atom_sites.fract_transf_matrix[3][2]   -0.00627819 
_atom_sites.fract_transf_matrix[3][3]   -0.00802737 
_atom_sites.fract_transf_vector[1]      0.374483 
_atom_sites.fract_transf_vector[2]      0.065088 
_atom_sites.fract_transf_vector[3]      0.400647 
# 
loop_
_atom_type.symbol 
C 
N 
O 
S 
# 
loop_
_atom_site.group_PDB 
_atom_site.id 
_atom_site.type_symbol 
_atom_site.label_atom_id 
_atom_site.label_alt_id 
_atom_site.label_comp_id 
_atom_site.label_asym_id 
_atom_site.label_entity_id 
_atom_site.label_seq_id 
_atom_site.pdbx_PDB_ins_code 
_atom_site.Cartn_x 
_atom_site.Cartn_y 
_atom_site.Cartn_z 
_atom_site.occupancy 
_atom_site.B_iso_or_equiv 
_atom_site.pdbx_formal_charge 
_atom_site.auth_seq_id 
_atom_site.auth_comp_id 
_atom_site.auth_asym_id 
_atom_site.auth_atom_id 
_atom_site.pdbx_PDB_model_num 
ATOM   1   N N   . ALA A 1 10 ? 9.515   11.360  3.616   1.00 72.44  ? 522 ALA A N   1 
ATOM   2   C CA  . ALA A 1 10 ? 8.768   11.038  4.841   1.00 65.79  ? 522 ALA A CA  1 
ATOM   3   C C   . ALA A 1 10 ? 7.777   9.930   4.546   1.00 64.11  ? 522 ALA A C   1 
ATOM   4   O O   . ALA A 1 10 ? 6.987   10.029  3.605   1.00 64.09  ? 522 ALA A O   1 
ATOM   5   C CB  . ALA A 1 10 ? 8.052   12.251  5.381   1.00 52.75  ? 522 ALA A CB  1 
ATOM   6   N N   . MET A 1 11 ? 7.829   8.869   5.340   1.00 63.96  ? 523 MET A N   1 
ATOM   7   C CA  . MET A 1 11 ? 7.023   7.682   5.084   1.00 60.05  ? 523 MET A CA  1 
ATOM   8   C C   . MET A 1 11 ? 6.386   7.090   6.324   1.00 58.43  ? 523 MET A C   1 
ATOM   9   O O   . MET A 1 11 ? 6.773   7.397   7.446   1.00 62.50  ? 523 MET A O   1 
ATOM   10  C CB  . MET A 1 11 ? 7.870   6.613   4.406   1.00 61.00  ? 523 MET A CB  1 
ATOM   11  C CG  . MET A 1 11 ? 8.330   6.982   3.006   1.00 68.09  ? 523 MET A CG  1 
ATOM   12  S SD  . MET A 1 11 ? 9.224   5.627   2.229   1.00 70.35  ? 523 MET A SD  1 
ATOM   13  C CE  . MET A 1 11 ? 8.643   4.270   3.240   1.00 65.29  ? 523 MET A CE  1 
ATOM   14  N N   . ILE A 1 12 ? 5.397   6.232   6.113   1.00 60.27  ? 524 ILE A N   1 
ATOM   15  C CA  . ILE A 1 12 ? 4.835   5.481   7.219   1.00 60.79  ? 524 ILE A CA  1 
ATOM   16  C C   . ILE A 1 12 ? 5.918   4.510   7.644   1.00 62.78  ? 524 ILE A C   1 
ATOM   17  O O   . ILE A 1 12 ? 6.663   3.997   6.811   1.00 61.26  ? 524 ILE A O   1 
ATOM   18  C CB  . ILE A 1 12 ? 3.533   4.749   6.852   1.00 58.35  ? 524 ILE A CB  1 
ATOM   19  C CG1 . ILE A 1 12 ? 2.466   5.766   6.437   1.00 53.79  ? 524 ILE A CG1 1 
ATOM   20  C CG2 . ILE A 1 12 ? 3.023   3.944   8.039   1.00 57.83  ? 524 ILE A CG2 1 
ATOM   21  C CD1 . ILE A 1 12 ? 1.196   5.140   5.919   1.00 51.83  ? 524 ILE A CD1 1 
ATOM   22  N N   . THR A 1 13 ? 6.005   4.285   8.950   1.00 67.33  ? 525 THR A N   1 
ATOM   23  C CA  . THR A 1 13 ? 7.161   3.657   9.570   1.00 61.82  ? 525 THR A CA  1 
ATOM   24  C C   . THR A 1 13 ? 6.738   2.621   10.606  1.00 61.86  ? 525 THR A C   1 
ATOM   25  O O   . THR A 1 13 ? 7.416   1.615   10.788  1.00 63.58  ? 525 THR A O   1 
ATOM   26  C CB  . THR A 1 13 ? 8.078   4.775   10.149  1.00 65.57  ? 525 THR A CB  1 
ATOM   27  O OG1 . THR A 1 13 ? 9.215   4.911   9.286   1.00 62.50  ? 525 THR A OG1 1 
ATOM   28  C CG2 . THR A 1 13 ? 8.475   4.593   11.637  1.00 59.73  ? 525 THR A CG2 1 
ATOM   29  N N   . ASP A 1 14 ? 5.597   2.857   11.250  1.00 64.19  ? 526 ASP A N   1 
ATOM   30  C CA  . ASP A 1 14 ? 5.012   1.910   12.193  1.00 66.14  ? 526 ASP A CA  1 
ATOM   31  C C   . ASP A 1 14 ? 4.571   0.650   11.452  1.00 73.28  ? 526 ASP A C   1 
ATOM   32  O O   . ASP A 1 14 ? 3.769   0.729   10.511  1.00 72.34  ? 526 ASP A O   1 
ATOM   33  C CB  . ASP A 1 14 ? 3.825   2.552   12.931  1.00 66.07  ? 526 ASP A CB  1 
ATOM   34  C CG  . ASP A 1 14 ? 3.044   1.562   13.800  1.00 75.37  ? 526 ASP A CG  1 
ATOM   35  O OD1 . ASP A 1 14 ? 3.550   0.460   14.101  1.00 84.35  ? 526 ASP A OD1 1 
ATOM   36  O OD2 . ASP A 1 14 ? 1.904   1.882   14.194  1.00 80.95  ? 526 ASP A OD2 1 
ATOM   37  N N   . PRO A 1 15 ? 5.094   -0.517  11.873  1.00 74.02  ? 527 PRO A N   1 
ATOM   38  C CA  . PRO A 1 15 ? 4.734   -1.823  11.302  1.00 69.39  ? 527 PRO A CA  1 
ATOM   39  C C   . PRO A 1 15 ? 3.226   -2.073  11.254  1.00 68.10  ? 527 PRO A C   1 
ATOM   40  O O   . PRO A 1 15 ? 2.715   -2.438  10.206  1.00 69.51  ? 527 PRO A O   1 
ATOM   41  C CB  . PRO A 1 15 ? 5.417   -2.809  12.245  1.00 70.60  ? 527 PRO A CB  1 
ATOM   42  C CG  . PRO A 1 15 ? 6.614   -2.058  12.750  1.00 67.02  ? 527 PRO A CG  1 
ATOM   43  C CD  . PRO A 1 15 ? 6.180   -0.628  12.865  1.00 68.64  ? 527 PRO A CD  1 
ATOM   44  N N   . MET A 1 16 ? 2.517   -1.882  12.356  1.00 73.02  ? 528 MET A N   1 
ATOM   45  C CA  . MET A 1 16 ? 1.074   -2.112  12.333  1.00 75.35  ? 528 MET A CA  1 
ATOM   46  C C   . MET A 1 16 ? 0.377   -1.243  11.286  1.00 73.33  ? 528 MET A C   1 
ATOM   47  O O   . MET A 1 16 ? -0.573  -1.687  10.642  1.00 70.66  ? 528 MET A O   1 
ATOM   48  C CB  . MET A 1 16 ? 0.455   -1.862  13.711  1.00 76.07  ? 528 MET A CB  1 
ATOM   49  C CG  . MET A 1 16 ? 0.424   -3.085  14.636  1.00 90.79  ? 528 MET A CG  1 
ATOM   50  S SD  . MET A 1 16 ? -0.230  -4.613  13.911  1.00 102.53 ? 528 MET A SD  1 
ATOM   51  C CE  . MET A 1 16 ? -1.852  -4.072  13.337  1.00 84.87  ? 528 MET A CE  1 
ATOM   52  N N   . ASP A 1 17 ? 0.856   -0.008  11.121  1.00 75.50  ? 529 ASP A N   1 
ATOM   53  C CA  . ASP A 1 17 ? 0.285   0.935   10.158  1.00 70.07  ? 529 ASP A CA  1 
ATOM   54  C C   . ASP A 1 17 ? 0.605   0.523   8.728   1.00 65.62  ? 529 ASP A C   1 
ATOM   55  O O   . ASP A 1 17 ? -0.241  0.639   7.844   1.00 65.75  ? 529 ASP A O   1 
ATOM   56  C CB  . ASP A 1 17 ? 0.792   2.361   10.410  1.00 70.43  ? 529 ASP A CB  1 
ATOM   57  C CG  . ASP A 1 17 ? 0.061   3.050   11.553  1.00 69.76  ? 529 ASP A CG  1 
ATOM   58  O OD1 . ASP A 1 17 ? -1.000  2.536   11.966  1.00 73.14  ? 529 ASP A OD1 1 
ATOM   59  O OD2 . ASP A 1 17 ? 0.539   4.110   12.032  1.00 65.54  ? 529 ASP A OD2 1 
ATOM   60  N N   . LEU A 1 18 ? 1.827   0.051   8.501   1.00 64.45  ? 530 LEU A N   1 
ATOM   61  C CA  . LEU A 1 18 ? 2.198   -0.473  7.195   1.00 58.42  ? 530 LEU A CA  1 
ATOM   62  C C   . LEU A 1 18 ? 1.340   -1.677  6.836   1.00 63.45  ? 530 LEU A C   1 
ATOM   63  O O   . LEU A 1 18 ? 0.877   -1.806  5.703   1.00 62.65  ? 530 LEU A O   1 
ATOM   64  C CB  . LEU A 1 18 ? 3.661   -0.875  7.150   1.00 55.89  ? 530 LEU A CB  1 
ATOM   65  C CG  . LEU A 1 18 ? 4.663   0.240   6.945   1.00 54.80  ? 530 LEU A CG  1 
ATOM   66  C CD1 . LEU A 1 18 ? 6.048   -0.313  7.125   1.00 59.79  ? 530 LEU A CD1 1 
ATOM   67  C CD2 . LEU A 1 18 ? 4.503   0.877   5.586   1.00 58.07  ? 530 LEU A CD2 1 
ATOM   68  N N   . LEU A 1 19 ? 1.132   -2.563  7.800   1.00 64.36  ? 531 LEU A N   1 
ATOM   69  C CA  . LEU A 1 19 ? 0.289   -3.719  7.570   1.00 61.94  ? 531 LEU A CA  1 
ATOM   70  C C   . LEU A 1 19 ? -1.115  -3.298  7.147   1.00 64.25  ? 531 LEU A C   1 
ATOM   71  O O   . LEU A 1 19 ? -1.699  -3.905  6.251   1.00 66.55  ? 531 LEU A O   1 
ATOM   72  C CB  . LEU A 1 19 ? 0.235   -4.602  8.815   1.00 66.78  ? 531 LEU A CB  1 
ATOM   73  C CG  . LEU A 1 19 ? 1.393   -5.594  8.925   1.00 70.85  ? 531 LEU A CG  1 
ATOM   74  C CD1 . LEU A 1 19 ? 1.222   -6.486  10.134  1.00 73.77  ? 531 LEU A CD1 1 
ATOM   75  C CD2 . LEU A 1 19 ? 1.489   -6.430  7.659   1.00 69.51  ? 531 LEU A CD2 1 
ATOM   76  N N   . ARG A 1 20 ? -1.650  -2.252  7.770   1.00 63.41  ? 532 ARG A N   1 
ATOM   77  C CA  . ARG A 1 20 ? -2.974  -1.765  7.404   1.00 64.08  ? 532 ARG A CA  1 
ATOM   78  C C   . ARG A 1 20 ? -2.963  -1.181  5.990   1.00 65.36  ? 532 ARG A C   1 
ATOM   79  O O   . ARG A 1 20 ? -3.887  -1.407  5.203   1.00 62.96  ? 532 ARG A O   1 
ATOM   80  C CB  . ARG A 1 20 ? -3.471  -0.721  8.409   1.00 67.22  ? 532 ARG A CB  1 
ATOM   81  C CG  . ARG A 1 20 ? -3.572  -1.246  9.822   1.00 76.29  ? 532 ARG A CG  1 
ATOM   82  C CD  . ARG A 1 20 ? -4.289  -0.272  10.756  1.00 79.43  ? 532 ARG A CD  1 
ATOM   83  N NE  . ARG A 1 20 ? -4.231  -0.734  12.142  1.00 83.99  ? 532 ARG A NE  1 
ATOM   84  C CZ  . ARG A 1 20 ? -3.357  -0.299  13.049  1.00 86.58  ? 532 ARG A CZ  1 
ATOM   85  N NH1 . ARG A 1 20 ? -2.471  0.641   12.737  1.00 81.60  ? 532 ARG A NH1 1 
ATOM   86  N NH2 . ARG A 1 20 ? -3.377  -0.792  14.285  1.00 89.04  ? 532 ARG A NH2 1 
ATOM   87  N N   . LEU A 1 21 ? -1.913  -0.428  5.678   1.00 63.83  ? 533 LEU A N   1 
ATOM   88  C CA  . LEU A 1 21 ? -1.767  0.167   4.360   1.00 57.92  ? 533 LEU A CA  1 
ATOM   89  C C   . LEU A 1 21 ? -1.676  -0.929  3.301   1.00 61.79  ? 533 LEU A C   1 
ATOM   90  O O   . LEU A 1 21 ? -2.431  -0.902  2.340   1.00 66.41  ? 533 LEU A O   1 
ATOM   91  C CB  . LEU A 1 21 ? -0.537  1.082   4.301   1.00 54.73  ? 533 LEU A CB  1 
ATOM   92  C CG  . LEU A 1 21 ? -0.233  1.746   2.950   1.00 52.06  ? 533 LEU A CG  1 
ATOM   93  C CD1 . LEU A 1 21 ? -1.136  2.916   2.671   1.00 52.19  ? 533 LEU A CD1 1 
ATOM   94  C CD2 . LEU A 1 21 ? 1.196   2.158   2.856   1.00 47.76  ? 533 LEU A CD2 1 
ATOM   95  N N   . PHE A 1 22 ? -0.773  -1.897  3.479   1.00 63.04  ? 534 PHE A N   1 
ATOM   96  C CA  . PHE A 1 22 ? -0.569  -2.955  2.477   1.00 61.73  ? 534 PHE A CA  1 
ATOM   97  C C   . PHE A 1 22 ? -1.851  -3.704  2.153   1.00 64.92  ? 534 PHE A C   1 
ATOM   98  O O   . PHE A 1 22 ? -2.132  -3.985  0.992   1.00 67.21  ? 534 PHE A O   1 
ATOM   99  C CB  . PHE A 1 22 ? 0.473   -3.971  2.933   1.00 58.11  ? 534 PHE A CB  1 
ATOM   100 C CG  . PHE A 1 22 ? 1.864   -3.432  2.994   1.00 58.50  ? 534 PHE A CG  1 
ATOM   101 C CD1 . PHE A 1 22 ? 2.141   -2.131  2.616   1.00 56.26  ? 534 PHE A CD1 1 
ATOM   102 C CD2 . PHE A 1 22 ? 2.904   -4.232  3.430   1.00 60.64  ? 534 PHE A CD2 1 
ATOM   103 C CE1 . PHE A 1 22 ? 3.433   -1.627  2.690   1.00 57.42  ? 534 PHE A CE1 1 
ATOM   104 C CE2 . PHE A 1 22 ? 4.196   -3.735  3.503   1.00 65.88  ? 534 PHE A CE2 1 
ATOM   105 C CZ  . PHE A 1 22 ? 4.456   -2.423  3.133   1.00 59.06  ? 534 PHE A CZ  1 
ATOM   106 N N   . ASP A 1 23 ? -2.629  -4.016  3.182   1.00 67.05  ? 535 ASP A N   1 
ATOM   107 C CA  . ASP A 1 23 ? -3.831  -4.817  3.003   1.00 67.92  ? 535 ASP A CA  1 
ATOM   108 C C   . ASP A 1 23 ? -4.858  -4.118  2.115   1.00 71.02  ? 535 ASP A C   1 
ATOM   109 O O   . ASP A 1 23 ? -5.521  -4.766  1.296   1.00 79.86  ? 535 ASP A O   1 
ATOM   110 C CB  . ASP A 1 23 ? -4.449  -5.160  4.356   1.00 73.33  ? 535 ASP A CB  1 
ATOM   111 C CG  . ASP A 1 23 ? -5.658  -6.070  4.226   1.00 88.57  ? 535 ASP A CG  1 
ATOM   112 O OD1 . ASP A 1 23 ? -5.454  -7.285  3.963   1.00 81.08  ? 535 ASP A OD1 1 
ATOM   113 O OD2 . ASP A 1 23 ? -6.805  -5.572  4.380   1.00 93.69  ? 535 ASP A OD2 1 
ATOM   114 N N   . GLY A 1 24 ? -4.973  -2.801  2.250   1.00 65.44  ? 536 GLY A N   1 
ATOM   115 C CA  . GLY A 1 24 ? -5.890  -2.032  1.423   1.00 64.96  ? 536 GLY A CA  1 
ATOM   116 C C   . GLY A 1 24 ? -5.341  -1.656  0.050   1.00 67.53  ? 536 GLY A C   1 
ATOM   117 O O   . GLY A 1 24 ? -6.092  -1.286  -0.854  1.00 72.60  ? 536 GLY A O   1 
ATOM   118 N N   . VAL A 1 25 ? -4.028  -1.743  -0.117  1.00 63.81  ? 537 VAL A N   1 
ATOM   119 C CA  . VAL A 1 25 ? -3.412  -1.394  -1.387  1.00 65.54  ? 537 VAL A CA  1 
ATOM   120 C C   . VAL A 1 25 ? -3.378  -2.612  -2.309  1.00 67.92  ? 537 VAL A C   1 
ATOM   121 O O   . VAL A 1 25 ? -3.787  -2.524  -3.466  1.00 67.59  ? 537 VAL A O   1 
ATOM   122 C CB  . VAL A 1 25 ? -1.992  -0.832  -1.180  1.00 62.66  ? 537 VAL A CB  1 
ATOM   123 C CG1 . VAL A 1 25 ? -1.182  -0.880  -2.452  1.00 51.63  ? 537 VAL A CG1 1 
ATOM   124 C CG2 . VAL A 1 25 ? -2.074  0.596   -0.650  1.00 67.18  ? 537 VAL A CG2 1 
ATOM   125 N N   . GLN A 1 26 ? -2.911  -3.742  -1.776  1.00 66.57  ? 538 GLN A N   1 
ATOM   126 C CA  . GLN A 1 26 ? -2.841  -5.003  -2.515  1.00 66.06  ? 538 GLN A CA  1 
ATOM   127 C C   . GLN A 1 26 ? -4.181  -5.384  -3.148  1.00 65.87  ? 538 GLN A C   1 
ATOM   128 O O   . GLN A 1 26 ? -5.216  -5.417  -2.475  1.00 70.93  ? 538 GLN A O   1 
ATOM   129 C CB  . GLN A 1 26 ? -2.355  -6.125  -1.592  1.00 63.15  ? 538 GLN A CB  1 
ATOM   130 C CG  . GLN A 1 26 ? -2.271  -7.486  -2.246  1.00 65.79  ? 538 GLN A CG  1 
ATOM   131 C CD  . GLN A 1 26 ? -1.074  -7.639  -3.181  1.00 66.47  ? 538 GLN A CD  1 
ATOM   132 O OE1 . GLN A 1 26 ? 0.058   -7.261  -2.853  1.00 65.22  ? 538 GLN A OE1 1 
ATOM   133 N NE2 . GLN A 1 26 ? -1.326  -8.206  -4.358  1.00 70.37  ? 538 GLN A NE2 1 
ATOM   134 N N   . ASP A 1 27 ? -4.127  -5.630  -4.454  1.00 66.62  ? 539 ASP A N   1 
ATOM   135 C CA  . ASP A 1 27 ? -5.255  -6.036  -5.303  1.00 69.42  ? 539 ASP A CA  1 
ATOM   136 C C   . ASP A 1 27 ? -6.223  -4.891  -5.650  1.00 74.38  ? 539 ASP A C   1 
ATOM   137 O O   . ASP A 1 27 ? -7.145  -5.082  -6.448  1.00 79.34  ? 539 ASP A O   1 
ATOM   138 C CB  . ASP A 1 27 ? -6.037  -7.202  -4.674  1.00 65.27  ? 539 ASP A CB  1 
ATOM   139 C CG  . ASP A 1 27 ? -5.203  -8.481  -4.547  1.00 77.43  ? 539 ASP A CG  1 
ATOM   140 O OD1 . ASP A 1 27 ? -4.245  -8.672  -5.344  1.00 78.29  ? 539 ASP A OD1 1 
ATOM   141 O OD2 . ASP A 1 27 ? -5.518  -9.308  -3.652  1.00 75.98  ? 539 ASP A OD2 1 
ATOM   142 N N   . SER A 1 28 ? -6.022  -3.706  -5.082  1.00 71.44  ? 540 SER A N   1 
ATOM   143 C CA  . SER A 1 28 ? -6.845  -2.558  -5.446  1.00 64.88  ? 540 SER A CA  1 
ATOM   144 C C   . SER A 1 28 ? -6.720  -2.197  -6.930  1.00 68.04  ? 540 SER A C   1 
ATOM   145 O O   . SER A 1 28 ? -5.620  -2.159  -7.484  1.00 64.51  ? 540 SER A O   1 
ATOM   146 C CB  . SER A 1 28 ? -6.472  -1.348  -4.601  1.00 64.57  ? 540 SER A CB  1 
ATOM   147 O OG  . SER A 1 28 ? -7.250  -0.221  -4.974  1.00 65.53  ? 540 SER A OG  1 
ATOM   148 N N   . THR A 1 29 ? -7.852  -1.900  -7.561  1.00 69.28  ? 541 THR A N   1 
ATOM   149 C CA  . THR A 1 29 ? -7.880  -1.578  -8.986  1.00 69.92  ? 541 THR A CA  1 
ATOM   150 C C   . THR A 1 29 ? -7.937  -0.074  -9.261  1.00 70.13  ? 541 THR A C   1 
ATOM   151 O O   . THR A 1 29 ? -8.117  0.349   -10.418 1.00 71.37  ? 541 THR A O   1 
ATOM   152 C CB  . THR A 1 29 ? -9.090  -2.262  -9.680  1.00 72.76  ? 541 THR A CB  1 
ATOM   153 O OG1 . THR A 1 29 ? -10.307 -1.570  -9.360  1.00 73.60  ? 541 THR A OG1 1 
ATOM   154 C CG2 . THR A 1 29 ? -9.205  -3.713  -9.239  1.00 72.32  ? 541 THR A CG2 1 
ATOM   155 N N   . PHE A 1 30 ? -7.768  0.722   -8.202  1.00 67.89  ? 542 PHE A N   1 
ATOM   156 C CA  . PHE A 1 30 ? -7.959  2.177   -8.260  1.00 65.86  ? 542 PHE A CA  1 
ATOM   157 C C   . PHE A 1 30 ? -6.707  2.971   -8.591  1.00 65.15  ? 542 PHE A C   1 
ATOM   158 O O   . PHE A 1 30 ? -5.590  2.472   -8.477  1.00 67.33  ? 542 PHE A O   1 
ATOM   159 C CB  . PHE A 1 30 ? -8.483  2.712   -6.933  1.00 64.44  ? 542 PHE A CB  1 
ATOM   160 C CG  . PHE A 1 30 ? -9.768  2.109   -6.502  1.00 66.76  ? 542 PHE A CG  1 
ATOM   161 C CD1 . PHE A 1 30 ? -10.887 2.182   -7.315  1.00 62.46  ? 542 PHE A CD1 1 
ATOM   162 C CD2 . PHE A 1 30 ? -9.873  1.496   -5.254  1.00 66.29  ? 542 PHE A CD2 1 
ATOM   163 C CE1 . PHE A 1 30 ? -12.091 1.624   -6.908  1.00 66.43  ? 542 PHE A CE1 1 
ATOM   164 C CE2 . PHE A 1 30 ? -11.075 0.941   -4.829  1.00 69.22  ? 542 PHE A CE2 1 
ATOM   165 C CZ  . PHE A 1 30 ? -12.192 1.005   -5.658  1.00 68.14  ? 542 PHE A CZ  1 
ATOM   166 N N   . SER A 1 31 ? -6.915  4.231   -8.960  1.00 60.89  ? 543 SER A N   1 
ATOM   167 C CA  . SER A 1 31 ? -5.829  5.183   -9.147  1.00 60.90  ? 543 SER A CA  1 
ATOM   168 C C   . SER A 1 31 ? -5.040  5.373   -7.852  1.00 60.55  ? 543 SER A C   1 
ATOM   169 O O   . SER A 1 31 ? -5.466  4.932   -6.795  1.00 62.65  ? 543 SER A O   1 
ATOM   170 C CB  . SER A 1 31 ? -6.384  6.523   -9.631  1.00 62.52  ? 543 SER A CB  1 
ATOM   171 O OG  . SER A 1 31 ? -7.410  6.992   -8.770  1.00 66.41  ? 543 SER A OG  1 
ATOM   172 N N   . LEU A 1 32 ? -3.888  6.021   -7.937  1.00 57.60  ? 544 LEU A N   1 
ATOM   173 C CA  . LEU A 1 32 ? -3.105  6.322   -6.754  1.00 60.46  ? 544 LEU A CA  1 
ATOM   174 C C   . LEU A 1 32 ? -3.838  7.330   -5.840  1.00 64.55  ? 544 LEU A C   1 
ATOM   175 O O   . LEU A 1 32 ? -3.908  7.160   -4.627  1.00 58.85  ? 544 LEU A O   1 
ATOM   176 C CB  . LEU A 1 32 ? -1.732  6.865   -7.153  1.00 59.15  ? 544 LEU A CB  1 
ATOM   177 C CG  . LEU A 1 32 ? -0.832  7.325   -6.004  1.00 61.26  ? 544 LEU A CG  1 
ATOM   178 C CD1 . LEU A 1 32 ? -0.600  6.183   -4.998  1.00 57.17  ? 544 LEU A CD1 1 
ATOM   179 C CD2 . LEU A 1 32 ? 0.482   7.833   -6.552  1.00 59.54  ? 544 LEU A CD2 1 
ATOM   180 N N   . GLY A 1 33 ? -4.395  8.376   -6.434  1.00 65.34  ? 545 GLY A N   1 
ATOM   181 C CA  . GLY A 1 33 ? -5.080  9.384   -5.661  1.00 55.48  ? 545 GLY A CA  1 
ATOM   182 C C   . GLY A 1 33 ? -6.210  8.782   -4.861  1.00 64.39  ? 545 GLY A C   1 
ATOM   183 O O   . GLY A 1 33 ? -6.505  9.229   -3.742  1.00 73.04  ? 545 GLY A O   1 
ATOM   184 N N   . THR A 1 34 ? -6.847  7.763   -5.419  1.00 60.47  ? 546 THR A N   1 
ATOM   185 C CA  . THR A 1 34 ? -8.021  7.180   -4.777  1.00 66.74  ? 546 THR A CA  1 
ATOM   186 C C   . THR A 1 34 ? -7.598  6.166   -3.721  1.00 65.40  ? 546 THR A C   1 
ATOM   187 O O   . THR A 1 34 ? -8.154  6.131   -2.629  1.00 65.57  ? 546 THR A O   1 
ATOM   188 C CB  . THR A 1 34 ? -8.972  6.508   -5.812  1.00 68.05  ? 546 THR A CB  1 
ATOM   189 O OG1 . THR A 1 34 ? -9.684  7.519   -6.537  1.00 70.53  ? 546 THR A OG1 1 
ATOM   190 C CG2 . THR A 1 34 ? -9.981  5.610   -5.115  1.00 63.33  ? 546 THR A CG2 1 
ATOM   191 N N   . VAL A 1 35 ? -6.609  5.344   -4.047  1.00 62.95  ? 547 VAL A N   1 
ATOM   192 C CA  . VAL A 1 35 ? -6.064  4.410   -3.076  1.00 63.20  ? 547 VAL A CA  1 
ATOM   193 C C   . VAL A 1 35 ? -5.477  5.180   -1.883  1.00 63.23  ? 547 VAL A C   1 
ATOM   194 O O   . VAL A 1 35 ? -5.601  4.749   -0.738  1.00 62.52  ? 547 VAL A O   1 
ATOM   195 C CB  . VAL A 1 35 ? -5.003  3.492   -3.721  1.00 60.73  ? 547 VAL A CB  1 
ATOM   196 C CG1 . VAL A 1 35 ? -4.181  2.783   -2.673  1.00 61.39  ? 547 VAL A CG1 1 
ATOM   197 C CG2 . VAL A 1 35 ? -5.686  2.476   -4.597  1.00 62.56  ? 547 VAL A CG2 1 
ATOM   198 N N   . THR A 1 36 ? -4.879  6.336   -2.156  1.00 63.20  ? 548 THR A N   1 
ATOM   199 C CA  . THR A 1 36 ? -4.319  7.185   -1.110  1.00 61.22  ? 548 THR A CA  1 
ATOM   200 C C   . THR A 1 36 ? -5.408  7.720   -0.186  1.00 63.77  ? 548 THR A C   1 
ATOM   201 O O   . THR A 1 36 ? -5.283  7.654   1.032   1.00 63.27  ? 548 THR A O   1 
ATOM   202 C CB  . THR A 1 36 ? -3.528  8.367   -1.705  1.00 62.17  ? 548 THR A CB  1 
ATOM   203 O OG1 . THR A 1 36 ? -2.307  7.880   -2.283  1.00 59.38  ? 548 THR A OG1 1 
ATOM   204 C CG2 . THR A 1 36 ? -3.198  9.396   -0.632  1.00 58.06  ? 548 THR A CG2 1 
ATOM   205 N N   . GLU A 1 37 ? -6.485  8.232   -0.765  1.00 66.25  ? 549 GLU A N   1 
ATOM   206 C CA  . GLU A 1 37 ? -7.569  8.815   0.020   1.00 58.30  ? 549 GLU A CA  1 
ATOM   207 C C   . GLU A 1 37 ? -8.286  7.754   0.857   1.00 61.60  ? 549 GLU A C   1 
ATOM   208 O O   . GLU A 1 37 ? -8.672  8.011   1.987   1.00 70.63  ? 549 GLU A O   1 
ATOM   209 C CB  . GLU A 1 37 ? -8.548  9.535   -0.903  1.00 63.15  ? 549 GLU A CB  1 
ATOM   210 C CG  . GLU A 1 37 ? -9.528  10.446  -0.209  1.00 66.79  ? 549 GLU A CG  1 
ATOM   211 C CD  . GLU A 1 37 ? -10.329 11.308  -1.181  1.00 70.61  ? 549 GLU A CD  1 
ATOM   212 O OE1 . GLU A 1 37 ? -9.791  11.709  -2.239  1.00 68.94  ? 549 GLU A OE1 1 
ATOM   213 O OE2 . GLU A 1 37 ? -11.509 11.585  -0.885  1.00 73.42  ? 549 GLU A OE2 1 
ATOM   214 N N   . ILE A 1 38 ? -8.459  6.555   0.320   1.00 65.10  ? 550 ILE A N   1 
ATOM   215 C CA  . ILE A 1 38 ? -9.042  5.462   1.090   1.00 61.13  ? 550 ILE A CA  1 
ATOM   216 C C   . ILE A 1 38 ? -8.162  5.138   2.290   1.00 64.10  ? 550 ILE A C   1 
ATOM   217 O O   . ILE A 1 38 ? -8.667  4.955   3.408   1.00 69.72  ? 550 ILE A O   1 
ATOM   218 C CB  . ILE A 1 38 ? -9.225  4.182   0.241   1.00 62.83  ? 550 ILE A CB  1 
ATOM   219 C CG1 . ILE A 1 38 ? -10.300 4.389   -0.821  1.00 64.79  ? 550 ILE A CG1 1 
ATOM   220 C CG2 . ILE A 1 38 ? -9.599  2.986   1.115   1.00 54.67  ? 550 ILE A CG2 1 
ATOM   221 C CD1 . ILE A 1 38 ? -10.584 3.137   -1.621  1.00 66.57  ? 550 ILE A CD1 1 
ATOM   222 N N   . ALA A 1 39 ? -6.850  5.078   2.058   1.00 59.18  ? 551 ALA A N   1 
ATOM   223 C CA  . ALA A 1 39 ? -5.888  4.760   3.109   1.00 56.79  ? 551 ALA A CA  1 
ATOM   224 C C   . ALA A 1 39 ? -5.880  5.825   4.213   1.00 64.94  ? 551 ALA A C   1 
ATOM   225 O O   . ALA A 1 39 ? -5.819  5.499   5.392   1.00 67.38  ? 551 ALA A O   1 
ATOM   226 C CB  . ALA A 1 39 ? -4.509  4.608   2.525   1.00 52.72  ? 551 ALA A CB  1 
ATOM   227 N N   . GLN A 1 40 ? -5.959  7.094   3.829   1.00 58.75  ? 552 GLN A N   1 
ATOM   228 C CA  . GLN A 1 40 ? -5.952  8.165   4.801   1.00 63.25  ? 552 GLN A CA  1 
ATOM   229 C C   . GLN A 1 40 ? -7.135  8.063   5.769   1.00 68.64  ? 552 GLN A C   1 
ATOM   230 O O   . GLN A 1 40 ? -7.066  8.564   6.894   1.00 67.13  ? 552 GLN A O   1 
ATOM   231 C CB  . GLN A 1 40 ? -5.956  9.534   4.118   1.00 62.00  ? 552 GLN A CB  1 
ATOM   232 C CG  . GLN A 1 40 ? -5.577  10.662  5.070   1.00 66.72  ? 552 GLN A CG  1 
ATOM   233 C CD  . GLN A 1 40 ? -5.873  12.022  4.503   1.00 77.53  ? 552 GLN A CD  1 
ATOM   234 O OE1 . GLN A 1 40 ? -5.152  12.508  3.642   1.00 84.49  ? 552 GLN A OE1 1 
ATOM   235 N NE2 . GLN A 1 40 ? -6.945  12.648  4.977   1.00 90.24  ? 552 GLN A NE2 1 
ATOM   236 N N   . LYS A 1 41 ? -8.215  7.414   5.351   1.00 66.23  ? 553 LYS A N   1 
ATOM   237 C CA  . LYS A 1 41 ? -9.347  7.260   6.256   1.00 66.98  ? 553 LYS A CA  1 
ATOM   238 C C   . LYS A 1 41 ? -9.010  6.243   7.340   1.00 67.55  ? 553 LYS A C   1 
ATOM   239 O O   . LYS A 1 41 ? -9.378  6.420   8.490   1.00 68.06  ? 553 LYS A O   1 
ATOM   240 C CB  . LYS A 1 41 ? -10.607 6.834   5.505   1.00 70.23  ? 553 LYS A CB  1 
ATOM   241 C CG  . LYS A 1 41 ? -11.888 6.991   6.312   1.00 66.15  ? 553 LYS A CG  1 
ATOM   242 C CD  . LYS A 1 41 ? -13.060 6.280   5.640   1.00 73.14  ? 553 LYS A CD  1 
ATOM   243 C CE  . LYS A 1 41 ? -14.291 6.207   6.540   1.00 71.92  ? 553 LYS A CE  1 
ATOM   244 N NZ  . LYS A 1 41 ? -14.899 7.562   6.723   1.00 78.03  ? 553 LYS A NZ  1 
ATOM   245 N N   . ASN A 1 42 ? -8.305  5.181   6.969   1.00 70.02  ? 554 ASN A N   1 
ATOM   246 C CA  . ASN A 1 42 ? -7.927  4.152   7.935   1.00 72.20  ? 554 ASN A CA  1 
ATOM   247 C C   . ASN A 1 42 ? -6.727  4.557   8.771   1.00 69.95  ? 554 ASN A C   1 
ATOM   248 O O   . ASN A 1 42 ? -6.527  4.056   9.883   1.00 69.12  ? 554 ASN A O   1 
ATOM   249 C CB  . ASN A 1 42 ? -7.641  2.827   7.225   1.00 72.30  ? 554 ASN A CB  1 
ATOM   250 C CG  . ASN A 1 42 ? -8.904  2.136   6.799   1.00 81.76  ? 554 ASN A CG  1 
ATOM   251 O OD1 . ASN A 1 42 ? -9.701  1.723   7.648   1.00 91.95  ? 554 ASN A OD1 1 
ATOM   252 N ND2 . ASN A 1 42 ? -9.107  2.003   5.488   1.00 74.92  ? 554 ASN A ND2 1 
ATOM   253 N N   . LEU A 1 43 ? -5.937  5.473   8.212   1.00 69.04  ? 555 LEU A N   1 
ATOM   254 C CA  . LEU A 1 43 ? -4.746  6.010   8.854   1.00 64.28  ? 555 LEU A CA  1 
ATOM   255 C C   . LEU A 1 43 ? -4.823  7.531   8.923   1.00 64.02  ? 555 LEU A C   1 
ATOM   256 O O   . LEU A 1 43 ? -4.071  8.224   8.234   1.00 62.07  ? 555 LEU A O   1 
ATOM   257 C CB  . LEU A 1 43 ? -3.505  5.588   8.089   1.00 60.43  ? 555 LEU A CB  1 
ATOM   258 C CG  . LEU A 1 43 ? -3.380  4.079   7.948   1.00 63.83  ? 555 LEU A CG  1 
ATOM   259 C CD1 . LEU A 1 43 ? -2.260  3.762   6.972   1.00 61.41  ? 555 LEU A CD1 1 
ATOM   260 C CD2 . LEU A 1 43 ? -3.140  3.439   9.299   1.00 60.38  ? 555 LEU A CD2 1 
ATOM   261 N N   . PRO A 1 44 ? -5.733  8.055   9.761   1.00 63.33  ? 556 PRO A N   1 
ATOM   262 C CA  . PRO A 1 44 ? -6.048  9.489   9.725   1.00 59.91  ? 556 PRO A CA  1 
ATOM   263 C C   . PRO A 1 44 ? -4.934  10.407  10.193  1.00 55.92  ? 556 PRO A C   1 
ATOM   264 O O   . PRO A 1 44 ? -5.048  11.616  9.975   1.00 52.42  ? 556 PRO A O   1 
ATOM   265 C CB  . PRO A 1 44 ? -7.259  9.602   10.642  1.00 53.53  ? 556 PRO A CB  1 
ATOM   266 C CG  . PRO A 1 44 ? -7.230  8.388   11.468  1.00 57.49  ? 556 PRO A CG  1 
ATOM   267 C CD  . PRO A 1 44 ? -6.610  7.315   10.680  1.00 57.67  ? 556 PRO A CD  1 
ATOM   268 N N   . GLN A 1 45 ? -3.872  9.861   10.776  1.00 54.49  ? 557 GLN A N   1 
ATOM   269 C CA  . GLN A 1 45 ? -2.849  10.711  11.363  1.00 53.23  ? 557 GLN A CA  1 
ATOM   270 C C   . GLN A 1 45 ? -1.854  11.191  10.309  1.00 52.29  ? 557 GLN A C   1 
ATOM   271 O O   . GLN A 1 45 ? -1.204  12.220  10.483  1.00 53.49  ? 557 GLN A O   1 
ATOM   272 C CB  . GLN A 1 45 ? -2.133  9.990   12.521  1.00 49.77  ? 557 GLN A CB  1 
ATOM   273 C CG  . GLN A 1 45 ? -1.361  8.737   12.163  1.00 58.56  ? 557 GLN A CG  1 
ATOM   274 C CD  . GLN A 1 45 ? -2.166  7.443   12.315  1.00 62.91  ? 557 GLN A CD  1 
ATOM   275 O OE1 . GLN A 1 45 ? -3.285  7.320   11.805  1.00 61.03  ? 557 GLN A OE1 1 
ATOM   276 N NE2 . GLN A 1 45 ? -1.584  6.464   13.015  1.00 64.65  ? 557 GLN A NE2 1 
ATOM   277 N N   . TYR A 1 46 ? -1.758  10.475  9.197   1.00 53.09  ? 558 TYR A N   1 
ATOM   278 C CA  . TYR A 1 46 ? -0.766  10.801  8.170   1.00 53.03  ? 558 TYR A CA  1 
ATOM   279 C C   . TYR A 1 46 ? -1.299  11.700  7.077   1.00 53.23  ? 558 TYR A C   1 
ATOM   280 O O   . TYR A 1 46 ? -2.474  11.625  6.715   1.00 59.50  ? 558 TYR A O   1 
ATOM   281 C CB  . TYR A 1 46 ? -0.237  9.539   7.523   1.00 48.23  ? 558 TYR A CB  1 
ATOM   282 C CG  . TYR A 1 46 ? 0.384   8.589   8.481   1.00 49.67  ? 558 TYR A CG  1 
ATOM   283 C CD1 . TYR A 1 46 ? 1.641   8.837   9.011   1.00 53.43  ? 558 TYR A CD1 1 
ATOM   284 C CD2 . TYR A 1 46 ? -0.269  7.438   8.852   1.00 53.11  ? 558 TYR A CD2 1 
ATOM   285 C CE1 . TYR A 1 46 ? 2.228   7.961   9.888   1.00 51.15  ? 558 TYR A CE1 1 
ATOM   286 C CE2 . TYR A 1 46 ? 0.309   6.557   9.732   1.00 58.33  ? 558 TYR A CE2 1 
ATOM   287 C CZ  . TYR A 1 46 ? 1.554   6.822   10.249  1.00 53.60  ? 558 TYR A CZ  1 
ATOM   288 O OH  . TYR A 1 46 ? 2.124   5.929   11.125  1.00 58.26  ? 558 TYR A OH  1 
ATOM   289 N N   . ASN A 1 47 ? -0.423  12.524  6.519   1.00 50.86  ? 559 ASN A N   1 
ATOM   290 C CA  . ASN A 1 47 ? -0.804  13.358  5.390   1.00 55.64  ? 559 ASN A CA  1 
ATOM   291 C C   . ASN A 1 47 ? -0.690  12.599  4.059   1.00 59.63  ? 559 ASN A C   1 
ATOM   292 O O   . ASN A 1 47 ? 0.073   11.628  3.951   1.00 56.64  ? 559 ASN A O   1 
ATOM   293 C CB  . ASN A 1 47 ? 0.051   14.625  5.363   1.00 57.86  ? 559 ASN A CB  1 
ATOM   294 C CG  . ASN A 1 47 ? 1.519   14.334  5.164   1.00 57.71  ? 559 ASN A CG  1 
ATOM   295 O OD1 . ASN A 1 47 ? 1.906   13.688  4.186   1.00 60.60  ? 559 ASN A OD1 1 
ATOM   296 N ND2 . ASN A 1 47 ? 2.351   14.843  6.059   1.00 49.14  ? 559 ASN A ND2 1 
ATOM   297 N N   . LYS A 1 48 ? -1.442  13.041  3.052   1.00 61.73  ? 560 LYS A N   1 
ATOM   298 C CA  . LYS A 1 48 ? -1.486  12.342  1.759   1.00 58.90  ? 560 LYS A CA  1 
ATOM   299 C C   . LYS A 1 48 ? -0.114  12.091  1.122   1.00 56.72  ? 560 LYS A C   1 
ATOM   300 O O   . LYS A 1 48 ? 0.137   11.032  0.580   1.00 58.82  ? 560 LYS A O   1 
ATOM   301 C CB  . LYS A 1 48 ? -2.353  13.120  0.773   1.00 63.84  ? 560 LYS A CB  1 
ATOM   302 C CG  . LYS A 1 48 ? -3.825  12.821  0.907   1.00 66.94  ? 560 LYS A CG  1 
ATOM   303 C CD  . LYS A 1 48 ? -4.679  13.765  0.086   1.00 69.29  ? 560 LYS A CD  1 
ATOM   304 C CE  . LYS A 1 48 ? -6.069  13.769  0.663   1.00 83.92  ? 560 LYS A CE  1 
ATOM   305 N NZ  . LYS A 1 48 ? -6.369  12.380  1.118   1.00 82.16  ? 560 LYS A NZ  1 
ATOM   306 N N   . GLN A 1 49 ? 0.772   13.069  1.191   1.00 60.32  ? 561 GLN A N   1 
ATOM   307 C CA  . GLN A 1 49 ? 2.090   12.942  0.605   1.00 54.40  ? 561 GLN A CA  1 
ATOM   308 C C   . GLN A 1 49 ? 2.905   11.853  1.288   1.00 59.38  ? 561 GLN A C   1 
ATOM   309 O O   . GLN A 1 49 ? 3.688   11.169  0.634   1.00 63.23  ? 561 GLN A O   1 
ATOM   310 C CB  . GLN A 1 49 ? 2.828   14.271  0.677   1.00 53.93  ? 561 GLN A CB  1 
ATOM   311 C CG  . GLN A 1 49 ? 4.117   14.313  -0.083  1.00 64.23  ? 561 GLN A CG  1 
ATOM   312 C CD  . GLN A 1 49 ? 3.933   14.020  -1.566  1.00 72.88  ? 561 GLN A CD  1 
ATOM   313 O OE1 . GLN A 1 49 ? 2.957   14.452  -2.184  1.00 79.41  ? 561 GLN A OE1 1 
ATOM   314 N NE2 . GLN A 1 49 ? 4.855   13.252  -2.133  1.00 69.60  ? 561 GLN A NE2 1 
ATOM   315 N N   . THR A 1 50 ? 2.735   11.679  2.595   1.00 57.47  ? 562 THR A N   1 
ATOM   316 C CA  . THR A 1 50 ? 3.441   10.609  3.290   1.00 55.93  ? 562 THR A CA  1 
ATOM   317 C C   . THR A 1 50 ? 2.896   9.247   2.853   1.00 55.77  ? 562 THR A C   1 
ATOM   318 O O   . THR A 1 50 ? 3.649   8.289   2.661   1.00 52.47  ? 562 THR A O   1 
ATOM   319 C CB  . THR A 1 50 ? 3.340   10.770  4.816   1.00 52.86  ? 562 THR A CB  1 
ATOM   320 O OG1 . THR A 1 50 ? 4.214   11.823  5.226   1.00 55.34  ? 562 THR A OG1 1 
ATOM   321 C CG2 . THR A 1 50 ? 3.769   9.503   5.547   1.00 50.83  ? 562 THR A CG2 1 
ATOM   322 N N   . ILE A 1 51 ? 1.586   9.177   2.670   1.00 55.06  ? 563 ILE A N   1 
ATOM   323 C CA  . ILE A 1 51 ? 0.946   7.954   2.224   1.00 51.94  ? 563 ILE A CA  1 
ATOM   324 C C   . ILE A 1 51 ? 1.329   7.611   0.784   1.00 58.04  ? 563 ILE A C   1 
ATOM   325 O O   . ILE A 1 51 ? 1.643   6.463   0.476   1.00 56.48  ? 563 ILE A O   1 
ATOM   326 C CB  . ILE A 1 51 ? -0.568  8.069   2.370   1.00 51.80  ? 563 ILE A CB  1 
ATOM   327 C CG1 . ILE A 1 51 ? -0.905  8.224   3.857   1.00 52.87  ? 563 ILE A CG1 1 
ATOM   328 C CG2 . ILE A 1 51 ? -1.269  6.861   1.763   1.00 51.69  ? 563 ILE A CG2 1 
ATOM   329 C CD1 . ILE A 1 51 ? -2.393  8.321   4.168   1.00 55.70  ? 563 ILE A CD1 1 
ATOM   330 N N   . LYS A 1 52 ? 1.321   8.613   -0.092  1.00 60.45  ? 564 LYS A N   1 
ATOM   331 C CA  . LYS A 1 52 ? 1.775   8.430   -1.462  1.00 54.03  ? 564 LYS A CA  1 
ATOM   332 C C   . LYS A 1 52 ? 3.201   7.935   -1.474  1.00 57.22  ? 564 LYS A C   1 
ATOM   333 O O   . LYS A 1 52 ? 3.498   6.963   -2.148  1.00 60.19  ? 564 LYS A O   1 
ATOM   334 C CB  . LYS A 1 52 ? 1.684   9.729   -2.263  1.00 61.66  ? 564 LYS A CB  1 
ATOM   335 C CG  . LYS A 1 52 ? 0.299   10.032  -2.808  1.00 66.03  ? 564 LYS A CG  1 
ATOM   336 C CD  . LYS A 1 52 ? 0.358   10.971  -4.005  1.00 69.45  ? 564 LYS A CD  1 
ATOM   337 C CE  . LYS A 1 52 ? -1.018  11.555  -4.327  1.00 69.41  ? 564 LYS A CE  1 
ATOM   338 N NZ  . LYS A 1 52 ? -1.409  12.600  -3.337  1.00 79.72  ? 564 LYS A NZ  1 
ATOM   339 N N   . ASN A 1 53 ? 4.085   8.614   -0.746  1.00 56.56  ? 565 ASN A N   1 
ATOM   340 C CA  . ASN A 1 53 ? 5.490   8.211   -0.683  1.00 54.94  ? 565 ASN A CA  1 
ATOM   341 C C   . ASN A 1 53 ? 5.608   6.740   -0.328  1.00 58.45  ? 565 ASN A C   1 
ATOM   342 O O   . ASN A 1 53 ? 6.420   6.011   -0.896  1.00 58.59  ? 565 ASN A O   1 
ATOM   343 C CB  . ASN A 1 53 ? 6.267   9.022   0.361   1.00 60.82  ? 565 ASN A CB  1 
ATOM   344 C CG  . ASN A 1 53 ? 6.495   10.467  -0.041  1.00 62.85  ? 565 ASN A CG  1 
ATOM   345 O OD1 . ASN A 1 53 ? 5.986   10.941  -1.052  1.00 66.24  ? 565 ASN A OD1 1 
ATOM   346 N ND2 . ASN A 1 53 ? 7.248   11.180  0.775   1.00 62.73  ? 565 ASN A ND2 1 
ATOM   347 N N   . THR A 1 54 ? 4.783   6.317   0.625   1.00 56.90  ? 566 THR A N   1 
ATOM   348 C CA  . THR A 1 54 ? 4.888   4.990   1.193   1.00 56.24  ? 566 THR A CA  1 
ATOM   349 C C   . THR A 1 54 ? 4.418   3.954   0.194   1.00 58.82  ? 566 THR A C   1 
ATOM   350 O O   . THR A 1 54 ? 5.077   2.944   -0.013  1.00 60.86  ? 566 THR A O   1 
ATOM   351 C CB  . THR A 1 54 ? 4.077   4.863   2.491   1.00 59.49  ? 566 THR A CB  1 
ATOM   352 O OG1 . THR A 1 54 ? 4.506   5.857   3.437   1.00 54.62  ? 566 THR A OG1 1 
ATOM   353 C CG2 . THR A 1 54 ? 4.287   3.491   3.084   1.00 57.71  ? 566 THR A CG2 1 
ATOM   354 N N   . ILE A 1 55 ? 3.277   4.220   -0.429  1.00 59.13  ? 567 ILE A N   1 
ATOM   355 C CA  . ILE A 1 55 ? 2.768   3.403   -1.524  1.00 54.66  ? 567 ILE A CA  1 
ATOM   356 C C   . ILE A 1 55 ? 3.767   3.294   -2.688  1.00 58.22  ? 567 ILE A C   1 
ATOM   357 O O   . ILE A 1 55 ? 4.015   2.204   -3.192  1.00 62.25  ? 567 ILE A O   1 
ATOM   358 C CB  . ILE A 1 55 ? 1.440   3.970   -2.049  1.00 54.29  ? 567 ILE A CB  1 
ATOM   359 C CG1 . ILE A 1 55 ? 0.351   3.804   -1.006  1.00 53.56  ? 567 ILE A CG1 1 
ATOM   360 C CG2 . ILE A 1 55 ? 1.008   3.275   -3.340  1.00 57.81  ? 567 ILE A CG2 1 
ATOM   361 C CD1 . ILE A 1 55 ? -0.937  4.492   -1.371  1.00 55.86  ? 567 ILE A CD1 1 
ATOM   362 N N   . LYS A 1 56 ? 4.340   4.410   -3.119  1.00 57.63  ? 568 LYS A N   1 
ATOM   363 C CA  . LYS A 1 56 ? 5.306   4.373   -4.219  1.00 58.83  ? 568 LYS A CA  1 
ATOM   364 C C   . LYS A 1 56 ? 6.620   3.699   -3.832  1.00 60.47  ? 568 LYS A C   1 
ATOM   365 O O   . LYS A 1 56 ? 7.381   3.286   -4.687  1.00 73.65  ? 568 LYS A O   1 
ATOM   366 C CB  . LYS A 1 56 ? 5.586   5.778   -4.741  1.00 58.54  ? 568 LYS A CB  1 
ATOM   367 C CG  . LYS A 1 56 ? 4.413   6.346   -5.531  1.00 66.97  ? 568 LYS A CG  1 
ATOM   368 C CD  . LYS A 1 56 ? 4.480   7.874   -5.647  1.00 79.13  ? 568 LYS A CD  1 
ATOM   369 C CE  . LYS A 1 56 ? 5.244   8.300   -6.894  1.00 87.23  ? 568 LYS A CE  1 
ATOM   370 N NZ  . LYS A 1 56 ? 4.595   7.774   -8.138  1.00 90.60  ? 568 LYS A NZ  1 
ATOM   371 N N   . GLU A 1 57 ? 6.883   3.564   -2.547  1.00 62.78  ? 569 GLU A N   1 
ATOM   372 C CA  . GLU A 1 57 ? 8.074   2.865   -2.104  1.00 60.77  ? 569 GLU A CA  1 
ATOM   373 C C   . GLU A 1 57 ? 7.900   1.338   -2.119  1.00 62.80  ? 569 GLU A C   1 
ATOM   374 O O   . GLU A 1 57 ? 8.814   0.621   -2.503  1.00 66.54  ? 569 GLU A O   1 
ATOM   375 C CB  . GLU A 1 57 ? 8.452   3.341   -0.700  1.00 63.98  ? 569 GLU A CB  1 
ATOM   376 C CG  . GLU A 1 57 ? 9.347   2.398   0.079   1.00 66.40  ? 569 GLU A CG  1 
ATOM   377 C CD  . GLU A 1 57 ? 10.745  2.305   -0.509  1.00 77.11  ? 569 GLU A CD  1 
ATOM   378 O OE1 . GLU A 1 57 ? 11.206  3.303   -1.117  1.00 74.29  ? 569 GLU A OE1 1 
ATOM   379 O OE2 . GLU A 1 57 ? 11.374  1.227   -0.376  1.00 79.75  ? 569 GLU A OE2 1 
ATOM   380 N N   . TYR A 1 58 ? 6.731   0.849   -1.702  1.00 61.53  ? 570 TYR A N   1 
ATOM   381 C CA  . TYR A 1 58 ? 6.535   -0.571  -1.410  1.00 57.99  ? 570 TYR A CA  1 
ATOM   382 C C   . TYR A 1 58 ? 5.661   -1.263  -2.445  1.00 65.21  ? 570 TYR A C   1 
ATOM   383 O O   . TYR A 1 58 ? 5.644   -2.509  -2.553  1.00 65.66  ? 570 TYR A O   1 
ATOM   384 C CB  . TYR A 1 58 ? 5.909   -0.760  -0.019  1.00 56.83  ? 570 TYR A CB  1 
ATOM   385 C CG  . TYR A 1 58 ? 6.835   -0.466  1.146   1.00 61.75  ? 570 TYR A CG  1 
ATOM   386 C CD1 . TYR A 1 58 ? 7.855   -1.350  1.485   1.00 53.50  ? 570 TYR A CD1 1 
ATOM   387 C CD2 . TYR A 1 58 ? 6.680   0.694   1.917   1.00 61.16  ? 570 TYR A CD2 1 
ATOM   388 C CE1 . TYR A 1 58 ? 8.700   -1.101  2.538   1.00 62.16  ? 570 TYR A CE1 1 
ATOM   389 C CE2 . TYR A 1 58 ? 7.525   0.956   3.002   1.00 61.88  ? 570 TYR A CE2 1 
ATOM   390 C CZ  . TYR A 1 58 ? 8.535   0.051   3.308   1.00 68.69  ? 570 TYR A CZ  1 
ATOM   391 O OH  . TYR A 1 58 ? 9.388   0.283   4.369   1.00 60.17  ? 570 TYR A OH  1 
ATOM   392 N N   . ALA A 1 59 ? 4.931   -0.459  -3.208  1.00 62.39  ? 571 ALA A N   1 
ATOM   393 C CA  . ALA A 1 59 ? 3.968   -1.016  -4.137  1.00 62.19  ? 571 ALA A CA  1 
ATOM   394 C C   . ALA A 1 59 ? 4.220   -0.624  -5.590  1.00 62.59  ? 571 ALA A C   1 
ATOM   395 O O   . ALA A 1 59 ? 4.987   0.299   -5.907  1.00 60.38  ? 571 ALA A O   1 
ATOM   396 C CB  . ALA A 1 59 ? 2.563   -0.619  -3.726  1.00 56.27  ? 571 ALA A CB  1 
ATOM   397 N N   . ILE A 1 60 ? 3.564   -1.353  -6.478  1.00 60.25  ? 572 ILE A N   1 
ATOM   398 C CA  . ILE A 1 60 ? 3.672   -1.062  -7.885  1.00 61.41  ? 572 ILE A CA  1 
ATOM   399 C C   . ILE A 1 60 ? 2.340   -1.366  -8.557  1.00 61.26  ? 572 ILE A C   1 
ATOM   400 O O   . ILE A 1 60 ? 1.566   -2.224  -8.116  1.00 60.96  ? 572 ILE A O   1 
ATOM   401 C CB  . ILE A 1 60 ? 4.837   -1.834  -8.513  1.00 56.59  ? 572 ILE A CB  1 
ATOM   402 C CG1 . ILE A 1 60 ? 5.607   -0.918  -9.454  1.00 61.78  ? 572 ILE A CG1 1 
ATOM   403 C CG2 . ILE A 1 60 ? 4.337   -3.065  -9.220  1.00 68.31  ? 572 ILE A CG2 1 
ATOM   404 C CD1 . ILE A 1 60 ? 7.085   -1.244  -9.561  1.00 70.87  ? 572 ILE A CD1 1 
ATOM   405 N N   . ARG A 1 61 ? 2.036   -0.594  -9.585  1.00 65.13  ? 573 ARG A N   1 
ATOM   406 C CA  . ARG A 1 61 ? 0.795   -0.807  -10.297 1.00 69.81  ? 573 ARG A CA  1 
ATOM   407 C C   . ARG A 1 61 ? 1.108   -1.613  -11.538 1.00 73.99  ? 573 ARG A C   1 
ATOM   408 O O   . ARG A 1 61 ? 1.839   -1.158  -12.419 1.00 75.86  ? 573 ARG A O   1 
ATOM   409 C CB  . ARG A 1 61 ? 0.108   0.516   -10.652 1.00 67.84  ? 573 ARG A CB  1 
ATOM   410 C CG  . ARG A 1 61 ? -1.388  0.345   -10.836 1.00 68.13  ? 573 ARG A CG  1 
ATOM   411 C CD  . ARG A 1 61 ? -2.109  1.645   -11.112 1.00 69.26  ? 573 ARG A CD  1 
ATOM   412 N NE  . ARG A 1 61 ? -3.507  1.377   -11.450 1.00 75.26  ? 573 ARG A NE  1 
ATOM   413 C CZ  . ARG A 1 61 ? -4.400  2.310   -11.769 1.00 76.94  ? 573 ARG A CZ  1 
ATOM   414 N NH1 . ARG A 1 61 ? -4.037  3.591   -11.791 1.00 74.57  ? 573 ARG A NH1 1 
ATOM   415 N NH2 . ARG A 1 61 ? -5.655  1.960   -12.065 1.00 69.35  ? 573 ARG A NH2 1 
ATOM   416 N N   . SER A 1 62 ? 0.607   -2.842  -11.563 1.00 78.26  ? 574 SER A N   1 
ATOM   417 C CA  . SER A 1 62 ? 0.719   -3.678  -12.741 1.00 78.32  ? 574 SER A CA  1 
ATOM   418 C C   . SER A 1 62 ? 0.091   -2.911  -13.867 1.00 83.73  ? 574 SER A C   1 
ATOM   419 O O   . SER A 1 62 ? -0.979  -2.332  -13.693 1.00 85.25  ? 574 SER A O   1 
ATOM   420 C CB  . SER A 1 62 ? 0.001   -5.010  -12.555 1.00 76.51  ? 574 SER A CB  1 
ATOM   421 O OG  . SER A 1 62 ? -1.401  -4.836  -12.672 1.00 77.47  ? 574 SER A OG  1 
ATOM   422 N N   . SER A 1 63 ? 0.760   -2.850  -15.005 1.00 91.48  ? 575 SER A N   1 
ATOM   423 C CA  . SER A 1 63 ? 0.011   -2.575  -16.215 1.00 101.49 ? 575 SER A CA  1 
ATOM   424 C C   . SER A 1 63 ? -0.532  -3.923  -16.678 1.00 104.36 ? 575 SER A C   1 
ATOM   425 O O   . SER A 1 63 ? 0.233   -4.852  -16.953 1.00 104.21 ? 575 SER A O   1 
ATOM   426 C CB  . SER A 1 63 ? 0.860   -1.942  -17.321 1.00 105.76 ? 575 SER A CB  1 
ATOM   427 O OG  . SER A 1 63 ? 1.744   -2.890  -17.905 1.00 110.86 ? 575 SER A OG  1 
ATOM   428 N N   . GLY A 1 64 ? -1.846  -4.059  -16.710 1.00 103.80 ? 576 GLY A N   1 
ATOM   429 C CA  . GLY A 1 64 ? -2.427  -4.950  -17.688 1.00 119.38 ? 576 GLY A CA  1 
ATOM   430 C C   . GLY A 1 64 ? -2.571  -4.068  -18.927 1.00 126.34 ? 576 GLY A C   1 
ATOM   431 O O   . GLY A 1 64 ? -2.656  -2.830  -18.744 1.00 127.04 ? 576 GLY A O   1 
ATOM   432 N N   . LYS A 1 65 ? -2.493  -4.605  -20.159 1.00 122.77 ? 577 LYS A N   1 
ATOM   433 C CA  . LYS A 1 65 ? -1.586  -5.658  -20.614 1.00 123.67 ? 577 LYS A CA  1 
ATOM   434 C C   . LYS A 1 65 ? -1.971  -7.140  -20.308 1.00 127.17 ? 577 LYS A C   1 
ATOM   435 O O   . LYS A 1 65 ? -1.098  -8.002  -20.313 1.00 125.84 ? 577 LYS A O   1 
ATOM   436 C CB  . LYS A 1 65 ? -0.194  -5.240  -20.076 1.00 120.10 ? 577 LYS A CB  1 
ATOM   437 C CG  . LYS A 1 65 ? 1.034   -6.088  -20.310 1.00 117.81 ? 577 LYS A CG  1 
ATOM   438 C CD  . LYS A 1 65 ? 2.324   -5.220  -20.198 1.00 119.49 ? 577 LYS A CD  1 
ATOM   439 C CE  . LYS A 1 65 ? 3.508   -6.040  -20.582 1.00 117.25 ? 577 LYS A CE  1 
ATOM   440 N NZ  . LYS A 1 65 ? 3.096   -7.418  -20.182 1.00 109.35 ? 577 LYS A NZ  1 
ATOM   441 N N   . GLY A 1 66 ? -3.278  -7.440  -20.189 1.00 131.07 ? 578 GLY A N   1 
ATOM   442 C CA  . GLY A 1 66 ? -3.784  -8.771  -19.820 1.00 130.51 ? 578 GLY A CA  1 
ATOM   443 C C   . GLY A 1 66 ? -4.620  -9.718  -20.730 1.00 139.64 ? 578 GLY A C   1 
ATOM   444 O O   . GLY A 1 66 ? -4.019  -10.670 -21.281 1.00 140.45 ? 578 GLY A O   1 
ATOM   445 N N   . ASP A 1 67 ? -5.955  -9.561  -20.902 1.00 144.98 ? 579 ASP A N   1 
ATOM   446 C CA  . ASP A 1 67 ? -6.732  -8.385  -20.566 1.00 144.70 ? 579 ASP A CA  1 
ATOM   447 C C   . ASP A 1 67 ? -7.200  -8.257  -19.129 1.00 140.74 ? 579 ASP A C   1 
ATOM   448 O O   . ASP A 1 67 ? -8.378  -8.233  -18.811 1.00 140.18 ? 579 ASP A O   1 
ATOM   449 C CB  . ASP A 1 67 ? -7.949  -8.205  -21.478 1.00 145.76 ? 579 ASP A CB  1 
ATOM   450 C CG  . ASP A 1 67 ? -8.270  -6.757  -21.635 1.00 148.17 ? 579 ASP A CG  1 
ATOM   451 O OD1 . ASP A 1 67 ? -7.867  -6.153  -22.646 1.00 143.89 ? 579 ASP A OD1 1 
ATOM   452 O OD2 . ASP A 1 67 ? -8.847  -6.178  -20.691 1.00 149.37 ? 579 ASP A OD2 1 
ATOM   453 N N   . LEU A 1 68 ? -6.187  -8.197  -18.283 1.00 139.51 ? 580 LEU A N   1 
ATOM   454 C CA  . LEU A 1 68 ? -5.970  -7.015  -17.510 1.00 133.44 ? 580 LEU A CA  1 
ATOM   455 C C   . LEU A 1 68 ? -6.868  -6.543  -16.428 1.00 125.86 ? 580 LEU A C   1 
ATOM   456 O O   . LEU A 1 68 ? -7.652  -5.663  -16.721 1.00 128.64 ? 580 LEU A O   1 
ATOM   457 C CB  . LEU A 1 68 ? -6.008  -5.817  -18.444 1.00 134.34 ? 580 LEU A CB  1 
ATOM   458 C CG  . LEU A 1 68 ? -5.443  -4.977  -19.613 1.00 136.93 ? 580 LEU A CG  1 
ATOM   459 C CD1 . LEU A 1 68 ? -5.294  -5.514  -21.055 1.00 135.59 ? 580 LEU A CD1 1 
ATOM   460 C CD2 . LEU A 1 68 ? -6.191  -3.625  -19.711 1.00 132.74 ? 580 LEU A CD2 1 
ATOM   461 N N   . PRO A 1 69 ? -6.766  -7.040  -15.191 1.00 119.67 ? 581 PRO A N   1 
ATOM   462 C CA  . PRO A 1 69 ? -7.117  -5.797  -14.499 1.00 114.12 ? 581 PRO A CA  1 
ATOM   463 C C   . PRO A 1 69 ? -5.824  -5.098  -14.075 1.00 102.44 ? 581 PRO A C   1 
ATOM   464 O O   . PRO A 1 69 ? -4.870  -5.751  -13.631 1.00 98.72  ? 581 PRO A O   1 
ATOM   465 C CB  . PRO A 1 69 ? -7.979  -6.273  -13.315 1.00 108.34 ? 581 PRO A CB  1 
ATOM   466 C CG  . PRO A 1 69 ? -8.542  -7.597  -13.794 1.00 118.22 ? 581 PRO A CG  1 
ATOM   467 C CD  . PRO A 1 69 ? -7.410  -8.212  -14.580 1.00 116.84 ? 581 PRO A CD  1 
ATOM   468 N N   . ARG A 1 70 ? -5.803  -3.779  -14.249 1.00 94.48  ? 582 ARG A N   1 
ATOM   469 C CA  . ARG A 1 70 ? -4.720  -2.923  -13.775 1.00 84.94  ? 582 ARG A CA  1 
ATOM   470 C C   . ARG A 1 70 ? -4.785  -2.778  -12.253 1.00 81.26  ? 582 ARG A C   1 
ATOM   471 O O   . ARG A 1 70 ? -5.687  -2.124  -11.733 1.00 77.82  ? 582 ARG A O   1 
ATOM   472 C CB  . ARG A 1 70 ? -4.809  -1.553  -14.447 1.00 78.25  ? 582 ARG A CB  1 
ATOM   473 C CG  . ARG A 1 70 ? -3.475  -0.926  -14.587 1.00 77.86  ? 582 ARG A CG  1 
ATOM   474 C CD  . ARG A 1 70 ? -3.477  0.458   -15.181 1.00 80.47  ? 582 ARG A CD  1 
ATOM   475 N NE  . ARG A 1 70 ? -2.100  0.952   -15.190 1.00 83.41  ? 582 ARG A NE  1 
ATOM   476 C CZ  . ARG A 1 70 ? -1.752  2.213   -14.957 1.00 90.88  ? 582 ARG A CZ  1 
ATOM   477 N NH1 . ARG A 1 70 ? -2.688  3.123   -14.703 1.00 95.50  ? 582 ARG A NH1 1 
ATOM   478 N NH2 . ARG A 1 70 ? -0.469  2.566   -14.977 1.00 88.17  ? 582 ARG A NH2 1 
ATOM   479 N N   . LYS A 1 71 ? -3.854  -3.400  -11.536 1.00 79.44  ? 583 LYS A N   1 
ATOM   480 C CA  . LYS A 1 71 ? -3.972  -3.474  -10.083 1.00 74.01  ? 583 LYS A CA  1 
ATOM   481 C C   . LYS A 1 71 ? -2.667  -3.202  -9.321  1.00 71.18  ? 583 LYS A C   1 
ATOM   482 O O   . LYS A 1 71 ? -1.585  -3.195  -9.890  1.00 69.96  ? 583 LYS A O   1 
ATOM   483 C CB  . LYS A 1 71 ? -4.541  -4.838  -9.680  1.00 70.35  ? 583 LYS A CB  1 
ATOM   484 C CG  . LYS A 1 71 ? -3.524  -5.954  -9.577  1.00 72.13  ? 583 LYS A CG  1 
ATOM   485 C CD  . LYS A 1 71 ? -4.204  -7.265  -9.177  1.00 74.15  ? 583 LYS A CD  1 
ATOM   486 C CE  . LYS A 1 71 ? -3.204  -8.413  -9.053  1.00 83.59  ? 583 LYS A CE  1 
ATOM   487 N NZ  . LYS A 1 71 ? -3.808  -9.636  -8.443  1.00 88.50  ? 583 LYS A NZ  1 
ATOM   488 N N   . TRP A 1 72 ? -2.801  -2.946  -8.019  1.00 74.40  ? 584 TRP A N   1 
ATOM   489 C CA  . TRP A 1 72 ? -1.673  -2.613  -7.147  1.00 66.15  ? 584 TRP A CA  1 
ATOM   490 C C   . TRP A 1 72 ? -1.095  -3.859  -6.511  1.00 63.50  ? 584 TRP A C   1 
ATOM   491 O O   . TRP A 1 72 ? -1.829  -4.713  -6.013  1.00 68.10  ? 584 TRP A O   1 
ATOM   492 C CB  . TRP A 1 72 ? -2.102  -1.618  -6.056  1.00 58.89  ? 584 TRP A CB  1 
ATOM   493 C CG  . TRP A 1 72 ? -2.227  -0.226  -6.561  1.00 58.57  ? 584 TRP A CG  1 
ATOM   494 C CD1 . TRP A 1 72 ? -3.371  0.409   -6.944  1.00 59.52  ? 584 TRP A CD1 1 
ATOM   495 C CD2 . TRP A 1 72 ? -1.162  0.716   -6.777  1.00 55.89  ? 584 TRP A CD2 1 
ATOM   496 N NE1 . TRP A 1 72 ? -3.083  1.680   -7.379  1.00 57.86  ? 584 TRP A NE1 1 
ATOM   497 C CE2 . TRP A 1 72 ? -1.733  1.883   -7.289  1.00 53.32  ? 584 TRP A CE2 1 
ATOM   498 C CE3 . TRP A 1 72 ? 0.225   0.656   -6.594  1.00 57.19  ? 584 TRP A CE3 1 
ATOM   499 C CZ2 . TRP A 1 72 ? -0.967  3.006   -7.614  1.00 56.72  ? 584 TRP A CZ2 1 
ATOM   500 C CZ3 . TRP A 1 72 ? 0.985   1.785   -6.921  1.00 55.41  ? 584 TRP A CZ3 1 
ATOM   501 C CH2 . TRP A 1 72 ? 0.388   2.934   -7.419  1.00 53.71  ? 584 TRP A CH2 1 
ATOM   502 N N   . VAL A 1 73 ? 0.224   -3.964  -6.524  1.00 56.99  ? 585 VAL A N   1 
ATOM   503 C CA  . VAL A 1 73 ? 0.884   -5.096  -5.899  1.00 61.48  ? 585 VAL A CA  1 
ATOM   504 C C   . VAL A 1 73 ? 1.935   -4.613  -4.911  1.00 58.24  ? 585 VAL A C   1 
ATOM   505 O O   . VAL A 1 73 ? 2.702   -3.712  -5.230  1.00 59.55  ? 585 VAL A O   1 
ATOM   506 C CB  . VAL A 1 73 ? 1.544   -6.024  -6.965  1.00 62.43  ? 585 VAL A CB  1 
ATOM   507 C CG1 . VAL A 1 73 ? 2.672   -6.849  -6.356  1.00 56.14  ? 585 VAL A CG1 1 
ATOM   508 C CG2 . VAL A 1 73 ? 0.500   -6.930  -7.605  1.00 66.84  ? 585 VAL A CG2 1 
ATOM   509 N N   . ILE A 1 74 ? 1.976   -5.201  -3.720  1.00 52.34  ? 586 ILE A N   1 
ATOM   510 C CA  . ILE A 1 74 ? 3.120   -4.996  -2.846  1.00 55.21  ? 586 ILE A CA  1 
ATOM   511 C C   . ILE A 1 74 ? 4.285   -5.856  -3.359  1.00 63.57  ? 586 ILE A C   1 
ATOM   512 O O   . ILE A 1 74 ? 4.158   -7.081  -3.472  1.00 66.71  ? 586 ILE A O   1 
ATOM   513 C CB  . ILE A 1 74 ? 2.787   -5.330  -1.373  1.00 56.69  ? 586 ILE A CB  1 
ATOM   514 C CG1 . ILE A 1 74 ? 2.188   -4.115  -0.657  1.00 62.55  ? 586 ILE A CG1 1 
ATOM   515 C CG2 . ILE A 1 74 ? 4.052   -5.636  -0.621  1.00 63.83  ? 586 ILE A CG2 1 
ATOM   516 C CD1 . ILE A 1 74 ? 0.815   -3.659  -1.112  1.00 61.50  ? 586 ILE A CD1 1 
ATOM   517 N N   . LYS A 1 75 ? 5.404   -5.211  -3.690  1.00 65.46  ? 587 LYS A N   1 
ATOM   518 C CA  . LYS A 1 75 ? 6.528   -5.858  -4.392  1.00 58.14  ? 587 LYS A CA  1 
ATOM   519 C C   . LYS A 1 75 ? 7.247   -6.944  -3.624  1.00 62.40  ? 587 LYS A C   1 
ATOM   520 O O   . LYS A 1 75 ? 7.436   -8.041  -4.144  1.00 68.62  ? 587 LYS A O   1 
ATOM   521 C CB  . LYS A 1 75 ? 7.577   -4.832  -4.778  1.00 54.14  ? 587 LYS A CB  1 
ATOM   522 C CG  . LYS A 1 75 ? 7.094   -3.820  -5.752  1.00 67.77  ? 587 LYS A CG  1 
ATOM   523 C CD  . LYS A 1 75 ? 8.166   -2.778  -5.997  1.00 72.10  ? 587 LYS A CD  1 
ATOM   524 C CE  . LYS A 1 75 ? 8.356   -1.871  -4.806  1.00 60.26  ? 587 LYS A CE  1 
ATOM   525 N NZ  . LYS A 1 75 ? 9.134   -0.680  -5.249  1.00 67.07  ? 587 LYS A NZ  1 
ATOM   526 N N   . ASP A 1 76 ? 7.698   -6.619  -2.417  1.00 62.71  ? 588 ASP A N   1 
ATOM   527 C CA  . ASP A 1 76 ? 8.489   -7.539  -1.609  1.00 61.54  ? 588 ASP A CA  1 
ATOM   528 C C   . ASP A 1 76 ? 7.618   -8.349  -0.661  1.00 65.13  ? 588 ASP A C   1 
ATOM   529 O O   . ASP A 1 76 ? 7.316   -7.916  0.453   1.00 66.23  ? 588 ASP A O   1 
ATOM   530 C CB  . ASP A 1 76 ? 9.555   -6.791  -0.813  1.00 58.21  ? 588 ASP A CB  1 
ATOM   531 C CG  . ASP A 1 76 ? 10.538  -7.727  -0.137  1.00 70.63  ? 588 ASP A CG  1 
ATOM   532 O OD1 . ASP A 1 76 ? 10.558  -8.940  -0.485  1.00 77.24  ? 588 ASP A OD1 1 
ATOM   533 O OD2 . ASP A 1 76 ? 11.317  -7.250  0.718   1.00 67.24  ? 588 ASP A OD2 1 
ATOM   534 N N   . ALA A 1 77 ? 7.233   -9.540  -1.106  1.00 65.05  ? 589 ALA A N   1 
ATOM   535 C CA  . ALA A 1 77 ? 6.386   -10.396 -0.299  1.00 62.62  ? 589 ALA A CA  1 
ATOM   536 C C   . ALA A 1 77 ? 7.150   -10.952 0.902   1.00 64.12  ? 589 ALA A C   1 
ATOM   537 O O   . ALA A 1 77 ? 6.543   -11.325 1.898   1.00 64.14  ? 589 ALA A O   1 
ATOM   538 C CB  . ALA A 1 77 ? 5.821   -11.505 -1.141  1.00 58.75  ? 589 ALA A CB  1 
ATOM   539 N N   . GLN A 1 78 ? 8.477   -11.002 0.805   1.00 60.72  ? 590 GLN A N   1 
ATOM   540 C CA  . GLN A 1 78 ? 9.302   -11.417 1.930   1.00 63.77  ? 590 GLN A CA  1 
ATOM   541 C C   . GLN A 1 78 ? 9.164   -10.424 3.102   1.00 76.07  ? 590 GLN A C   1 
ATOM   542 O O   . GLN A 1 78 ? 8.831   -10.805 4.228   1.00 71.97  ? 590 GLN A O   1 
ATOM   543 C CB  . GLN A 1 78 ? 10.765  -11.540 1.515   1.00 60.76  ? 590 GLN A CB  1 
ATOM   544 C CG  . GLN A 1 78 ? 11.698  -11.790 2.692   1.00 69.44  ? 590 GLN A CG  1 
ATOM   545 C CD  . GLN A 1 78 ? 13.125  -12.124 2.279   1.00 76.06  ? 590 GLN A CD  1 
ATOM   546 O OE1 . GLN A 1 78 ? 13.509  -11.961 1.111   1.00 77.10  ? 590 GLN A OE1 1 
ATOM   547 N NE2 . GLN A 1 78 ? 13.921  -12.595 3.241   1.00 70.18  ? 590 GLN A NE2 1 
ATOM   548 N N   . ASN A 1 79 ? 9.425   -9.150  2.823   1.00 71.56  ? 591 ASN A N   1 
ATOM   549 C CA  . ASN A 1 79 ? 9.281   -8.094  3.808   1.00 71.09  ? 591 ASN A CA  1 
ATOM   550 C C   . ASN A 1 79 ? 7.900   -8.030  4.454   1.00 71.72  ? 591 ASN A C   1 
ATOM   551 O O   . ASN A 1 79 ? 7.772   -7.895  5.677   1.00 74.40  ? 591 ASN A O   1 
ATOM   552 C CB  . ASN A 1 79 ? 9.593   -6.751  3.162   1.00 71.91  ? 591 ASN A CB  1 
ATOM   553 C CG  . ASN A 1 79 ? 9.517   -5.624  4.131   1.00 69.42  ? 591 ASN A CG  1 
ATOM   554 O OD1 . ASN A 1 79 ? 10.309  -5.544  5.077   1.00 72.82  ? 591 ASN A OD1 1 
ATOM   555 N ND2 . ASN A 1 79 ? 8.550   -4.741  3.919   1.00 70.99  ? 591 ASN A ND2 1 
ATOM   556 N N   . TRP A 1 80 ? 6.867   -8.110  3.628   1.00 68.56  ? 592 TRP A N   1 
ATOM   557 C CA  . TRP A 1 80 ? 5.503   -8.076  4.126   1.00 67.37  ? 592 TRP A CA  1 
ATOM   558 C C   . TRP A 1 80 ? 5.302   -9.217  5.106   1.00 74.90  ? 592 TRP A C   1 
ATOM   559 O O   . TRP A 1 80 ? 4.664   -9.056  6.138   1.00 80.36  ? 592 TRP A O   1 
ATOM   560 C CB  . TRP A 1 80 ? 4.518   -8.174  2.973   1.00 65.98  ? 592 TRP A CB  1 
ATOM   561 C CG  . TRP A 1 80 ? 3.101   -7.938  3.344   1.00 64.33  ? 592 TRP A CG  1 
ATOM   562 C CD1 . TRP A 1 80 ? 2.588   -7.774  4.589   1.00 67.42  ? 592 TRP A CD1 1 
ATOM   563 C CD2 . TRP A 1 80 ? 2.002   -7.841  2.435   1.00 62.43  ? 592 TRP A CD2 1 
ATOM   564 N NE1 . TRP A 1 80 ? 1.228   -7.571  4.519   1.00 65.62  ? 592 TRP A NE1 1 
ATOM   565 C CE2 . TRP A 1 80 ? 0.846   -7.611  3.213   1.00 59.84  ? 592 TRP A CE2 1 
ATOM   566 C CE3 . TRP A 1 80 ? 1.881   -7.912  1.051   1.00 56.29  ? 592 TRP A CE3 1 
ATOM   567 C CZ2 . TRP A 1 80 ? -0.413  -7.469  2.637   1.00 59.16  ? 592 TRP A CZ2 1 
ATOM   568 C CZ3 . TRP A 1 80 ? 0.628   -7.767  0.485   1.00 59.51  ? 592 TRP A CZ3 1 
ATOM   569 C CH2 . TRP A 1 80 ? -0.500  -7.552  1.276   1.00 60.54  ? 592 TRP A CH2 1 
ATOM   570 N N   . GLU A 1 81 ? 5.878   -10.367 4.785   1.00 73.79  ? 593 GLU A N   1 
ATOM   571 C CA  . GLU A 1 81 ? 5.845   -11.513 5.676   1.00 75.72  ? 593 GLU A CA  1 
ATOM   572 C C   . GLU A 1 81 ? 6.569   -11.256 7.003   1.00 76.74  ? 593 GLU A C   1 
ATOM   573 O O   . GLU A 1 81 ? 6.023   -11.579 8.051   1.00 76.81  ? 593 GLU A O   1 
ATOM   574 C CB  . GLU A 1 81 ? 6.451   -12.740 4.982   1.00 77.61  ? 593 GLU A CB  1 
ATOM   575 C CG  . GLU A 1 81 ? 6.331   -14.008 5.790   1.00 80.96  ? 593 GLU A CG  1 
ATOM   576 C CD  . GLU A 1 81 ? 4.883   -14.354 6.075   1.00 89.69  ? 593 GLU A CD  1 
ATOM   577 O OE1 . GLU A 1 81 ? 4.008   -13.941 5.274   1.00 87.64  ? 593 GLU A OE1 1 
ATOM   578 O OE2 . GLU A 1 81 ? 4.621   -15.033 7.099   1.00 94.17  ? 593 GLU A OE2 1 
ATOM   579 N N   . ASN A 1 82 ? 7.788   -10.702 6.957   1.00 72.88  ? 594 ASN A N   1 
ATOM   580 C CA  . ASN A 1 82 ? 8.558   -10.437 8.177   1.00 78.30  ? 594 ASN A CA  1 
ATOM   581 C C   . ASN A 1 82 ? 7.752   -9.602  9.160   1.00 86.23  ? 594 ASN A C   1 
ATOM   582 O O   . ASN A 1 82 ? 7.618   -9.960  10.336  1.00 83.97  ? 594 ASN A O   1 
ATOM   583 C CB  . ASN A 1 82 ? 9.894   -9.713  7.904   1.00 75.41  ? 594 ASN A CB  1 
ATOM   584 C CG  . ASN A 1 82 ? 10.740  -10.389 6.835   1.00 91.15  ? 594 ASN A CG  1 
ATOM   585 O OD1 . ASN A 1 82 ? 10.682  -11.610 6.654   1.00 94.02  ? 594 ASN A OD1 1 
ATOM   586 N ND2 . ASN A 1 82 ? 11.571  -9.597  6.146   1.00 88.73  ? 594 ASN A ND2 1 
ATOM   587 N N   . LEU A 1 83 ? 7.204   -8.492  8.676   1.00 82.88  ? 595 LEU A N   1 
ATOM   588 C CA  . LEU A 1 83 ? 6.549   -7.574  9.579   1.00 83.41  ? 595 LEU A CA  1 
ATOM   589 C C   . LEU A 1 83 ? 5.097   -7.991  9.819   1.00 82.21  ? 595 LEU A C   1 
ATOM   590 O O   . LEU A 1 83 ? 4.403   -7.403  10.650  1.00 89.41  ? 595 LEU A O   1 
ATOM   591 C CB  . LEU A 1 83 ? 6.677   -6.125  9.077   1.00 76.30  ? 595 LEU A CB  1 
ATOM   592 C CG  . LEU A 1 83 ? 6.299   -5.593  7.701   1.00 72.20  ? 595 LEU A CG  1 
ATOM   593 C CD1 . LEU A 1 83 ? 4.818   -5.343  7.644   1.00 72.54  ? 595 LEU A CD1 1 
ATOM   594 C CD2 . LEU A 1 83 ? 7.058   -4.304  7.406   1.00 67.61  ? 595 LEU A CD2 1 
ATOM   595 N N   . ARG A 1 84 ? 4.655   -9.043  9.144   1.00 75.82  ? 596 ARG A N   1 
ATOM   596 C CA  . ARG A 1 84 ? 3.389   -9.659  9.524   1.00 81.66  ? 596 ARG A CA  1 
ATOM   597 C C   . ARG A 1 84 ? 3.649   -10.689 10.622  1.00 89.49  ? 596 ARG A C   1 
ATOM   598 O O   . ARG A 1 84 ? 2.724   -11.112 11.322  1.00 91.89  ? 596 ARG A O   1 
ATOM   599 C CB  . ARG A 1 84 ? 2.690   -10.313 8.329   1.00 78.50  ? 596 ARG A CB  1 
ATOM   600 C CG  . ARG A 1 84 ? 1.208   -10.570 8.565   1.00 75.21  ? 596 ARG A CG  1 
ATOM   601 C CD  . ARG A 1 84 ? 0.596   -11.472 7.505   1.00 83.55  ? 596 ARG A CD  1 
ATOM   602 N NE  . ARG A 1 84 ? 0.515   -10.883 6.167   1.00 81.59  ? 596 ARG A NE  1 
ATOM   603 C CZ  . ARG A 1 84 ? 1.044   -11.436 5.069   1.00 85.50  ? 596 ARG A CZ  1 
ATOM   604 N NH1 . ARG A 1 84 ? 1.719   -12.579 5.147   1.00 84.62  ? 596 ARG A NH1 1 
ATOM   605 N NH2 . ARG A 1 84 ? 0.910   -10.852 3.883   1.00 81.98  ? 596 ARG A NH2 1 
ATOM   606 N N   . ALA A 1 85 ? 4.918   -11.075 10.774  1.00 89.73  ? 597 ALA A N   1 
ATOM   607 C CA  . ALA A 1 85 ? 5.327   -12.058 11.781  1.00 94.07  ? 597 ALA A CA  1 
ATOM   608 C C   . ALA A 1 85 ? 5.515   -11.409 13.152  1.00 98.46  ? 597 ALA A C   1 
ATOM   609 O O   . ALA A 1 85 ? 5.093   -11.955 14.173  1.00 104.03 ? 597 ALA A O   1 
ATOM   610 C CB  . ALA A 1 85 ? 6.610   -12.759 11.357  1.00 91.62  ? 597 ALA A CB  1 
ATOM   611 N N   . ASN A 1 86 ? 6.161   -10.248 13.158  1.00 95.22  ? 598 ASN A N   1 
ATOM   612 C CA  . ASN A 1 86 ? 6.408   -9.477  14.372  1.00 99.93  ? 598 ASN A CA  1 
ATOM   613 C C   . ASN A 1 86 ? 5.144   -9.122  15.161  1.00 103.27 ? 598 ASN A C   1 
ATOM   614 O O   . ASN A 1 86 ? 5.115   -9.266  16.384  1.00 103.37 ? 598 ASN A O   1 
ATOM   615 C CB  . ASN A 1 86 ? 7.171   -8.199  14.016  1.00 96.47  ? 598 ASN A CB  1 
ATOM   616 C CG  . ASN A 1 86 ? 8.529   -8.491  13.409  1.00 93.73  ? 598 ASN A CG  1 
ATOM   617 O OD1 . ASN A 1 86 ? 8.867   -9.647  13.151  1.00 89.15  ? 598 ASN A OD1 1 
ATOM   618 N ND2 . ASN A 1 86 ? 9.309   -7.445  13.169  1.00 96.71  ? 598 ASN A ND2 1 
ATOM   619 N N   . ALA A 1 87 ? 4.110   -8.665  14.456  1.00 104.35 ? 599 ALA A N   1 
ATOM   620 C CA  . ALA A 1 87 ? 2.853   -8.249  15.082  1.00 110.13 ? 599 ALA A CA  1 
ATOM   621 C C   . ALA A 1 87 ? 2.172   -9.399  15.828  1.00 116.42 ? 599 ALA A C   1 
ATOM   622 O O   . ALA A 1 87 ? 1.480   -9.188  16.836  1.00 117.07 ? 599 ALA A O   1 
ATOM   623 C CB  . ALA A 1 87 ? 1.910   -7.678  14.032  1.00 105.90 ? 599 ALA A CB  1 
ATOM   624 N N   . ASN A 1 88 ? 2.386   -10.613 15.323  1.00 117.01 ? 600 ASN A N   1 
ATOM   625 C CA  . ASN A 1 88 ? 1.767   -11.814 15.871  1.00 118.95 ? 600 ASN A CA  1 
ATOM   626 C C   . ASN A 1 88 ? 2.671   -12.527 16.879  1.00 120.61 ? 600 ASN A C   1 
ATOM   627 O O   . ASN A 1 88 ? 3.106   -11.948 17.882  1.00 120.63 ? 600 ASN A O   1 
ATOM   628 C CB  . ASN A 1 88 ? 1.389   -12.765 14.731  1.00 118.23 ? 600 ASN A CB  1 
ATOM   629 C CG  . ASN A 1 88 ? -0.097  -13.059 14.682  1.00 122.97 ? 600 ASN A CG  1 
ATOM   630 O OD1 . ASN A 1 88 ? -0.866  -12.567 15.511  1.00 122.37 ? 600 ASN A OD1 1 
ATOM   631 N ND2 . ASN A 1 88 ? -0.513  -13.855 13.702  1.00 118.12 ? 600 ASN A ND2 1 
HETATM 632 O O   . HOH B 2 .  ? -4.985  -0.115  -10.087 1.00 76.51  ? 701 HOH A O   1 
HETATM 633 O O   . HOH B 2 .  ? 4.689   5.465   11.065  1.00 60.80  ? 702 HOH A O   1 
HETATM 634 O O   . HOH B 2 .  ? 9.053   2.573   5.863   1.00 58.63  ? 703 HOH A O   1 
HETATM 635 O O   . HOH B 2 .  ? -15.791 7.310   3.874   1.00 71.95  ? 704 HOH A O   1 
HETATM 636 O O   . HOH B 2 .  ? -7.563  -4.209  -0.931  1.00 69.84  ? 705 HOH A O   1 
HETATM 637 O O   . HOH B 2 .  ? -3.355  15.737  4.131   1.00 52.57  ? 706 HOH A O   1 
# 
